data_6KRU
#
_entry.id   6KRU
#
_cell.length_a   112.550
_cell.length_b   130.165
_cell.length_c   134.189
_cell.angle_alpha   90.000
_cell.angle_beta   90.000
_cell.angle_gamma   90.000
#
_symmetry.space_group_name_H-M   'P 21 21 21'
#
loop_
_entity.id
_entity.type
_entity.pdbx_description
1 polymer 'Ig gamma-2B chain C region'
2 branched beta-D-galactopyranose-(1-4)-2-acetamido-2-deoxy-beta-D-glucopyranose-(1-2)-alpha-D-mannopyranose-(1-6)-[2-acetamido-2-deoxy-beta-D-glucopyranose-(1-2)-alpha-D-mannopyranose-(1-3)]alpha-D-mannopyranose-(1-4)-2-acetamido-2-deoxy-beta-D-glucopyranose-(1-4)-[alpha-L-fucopyranose-(1-6)]2-acetamido-2-deoxy-beta-D-glucopyranose
3 branched beta-D-galactopyranose-(1-4)-2-acetamido-2-deoxy-beta-D-glucopyranose-(1-2)-alpha-D-mannopyranose-(1-6)-[2-acetamido-2-deoxy-beta-D-glucopyranose-(1-2)-alpha-D-mannopyranose-(1-3)]alpha-D-mannopyranose-(1-4)-2-acetamido-2-deoxy-beta-D-glucopyranose-(1-4)-2-acetamido-2-deoxy-beta-D-glucopyranose
4 water water
#
_entity_poly.entity_id   1
_entity_poly.type   'polypeptide(L)'
_entity_poly.pdbx_seq_one_letter_code
;CPAPNLEGGPSVFIFPPNIKDVLMISLTPKVTCVVVDVSEDDPDVQISWFVNNVEVHTAQTQTHREDYNSTIRVVSTLPI
QHQDWMSGKEFKCKVNNKDLPSPIERTISKIKGLVRAPQVYILPPPAEQLSRKDVSLTCLVVGFNPGDISVEWTSNGHTE
ENYKDTAPVLDSDGSYFIYSKLNMKTSKWEKTDSFSCNVRHEGLKNYYLKKTISRSPG
;
_entity_poly.pdbx_strand_id   A,B,C,D,E,F
#
# COMPACT_ATOMS: atom_id res chain seq x y z
N GLY A 9 -37.15 -11.83 -18.53
CA GLY A 9 -37.88 -10.66 -18.08
C GLY A 9 -37.34 -10.00 -16.81
N PRO A 10 -38.11 -9.11 -16.20
CA PRO A 10 -37.65 -8.49 -14.96
C PRO A 10 -37.95 -9.34 -13.73
N SER A 11 -37.18 -9.07 -12.67
CA SER A 11 -37.43 -9.71 -11.40
C SER A 11 -37.52 -8.65 -10.30
N VAL A 12 -38.15 -9.07 -9.20
CA VAL A 12 -38.46 -8.21 -8.07
C VAL A 12 -37.80 -8.78 -6.81
N PHE A 13 -37.11 -7.91 -6.08
CA PHE A 13 -36.52 -8.25 -4.78
C PHE A 13 -37.04 -7.28 -3.73
N ILE A 14 -37.37 -7.82 -2.57
CA ILE A 14 -37.85 -7.02 -1.45
C ILE A 14 -36.82 -7.06 -0.32
N PHE A 15 -36.64 -5.92 0.35
CA PHE A 15 -35.64 -5.78 1.39
C PHE A 15 -36.24 -5.20 2.67
N PRO A 16 -35.77 -5.66 3.82
CA PRO A 16 -36.29 -5.15 5.10
C PRO A 16 -35.74 -3.76 5.42
N PRO A 17 -36.34 -3.05 6.37
CA PRO A 17 -35.74 -1.80 6.84
C PRO A 17 -34.41 -2.07 7.52
N ASN A 18 -33.59 -1.02 7.62
CA ASN A 18 -32.32 -1.19 8.33
C ASN A 18 -32.59 -1.20 9.84
N ILE A 19 -31.88 -2.06 10.57
CA ILE A 19 -32.21 -2.26 11.99
C ILE A 19 -32.12 -0.94 12.78
N LYS A 20 -31.13 -0.11 12.46
CA LYS A 20 -30.98 1.16 13.15
C LYS A 20 -32.19 2.06 12.93
N ASP A 21 -32.64 2.21 11.68
CA ASP A 21 -33.88 2.97 11.44
C ASP A 21 -35.05 2.38 12.20
N VAL A 22 -35.05 1.06 12.40
CA VAL A 22 -36.17 0.43 13.10
C VAL A 22 -36.12 0.76 14.58
N LEU A 23 -34.92 0.79 15.16
CA LEU A 23 -34.76 0.89 16.60
C LEU A 23 -34.65 2.34 17.09
N MET A 24 -34.66 3.32 16.18
CA MET A 24 -34.58 4.73 16.55
C MET A 24 -35.84 5.41 16.03
N ILE A 25 -36.75 5.76 16.95
CA ILE A 25 -38.01 6.37 16.58
C ILE A 25 -37.84 7.66 15.78
N SER A 26 -36.66 8.30 15.85
CA SER A 26 -36.43 9.52 15.11
C SER A 26 -36.04 9.27 13.65
N LEU A 27 -35.75 8.04 13.28
CA LEU A 27 -35.39 7.72 11.90
C LEU A 27 -36.60 7.11 11.19
N THR A 28 -36.49 6.98 9.87
CA THR A 28 -37.60 6.49 9.04
C THR A 28 -37.24 5.16 8.41
N PRO A 29 -37.71 4.05 8.95
CA PRO A 29 -37.48 2.75 8.32
C PRO A 29 -38.29 2.60 7.05
N LYS A 30 -37.74 1.86 6.11
CA LYS A 30 -38.34 1.67 4.80
C LYS A 30 -38.24 0.21 4.37
N VAL A 31 -39.34 -0.33 3.86
CA VAL A 31 -39.33 -1.56 3.08
C VAL A 31 -39.10 -1.17 1.64
N THR A 32 -38.28 -1.95 0.93
CA THR A 32 -37.80 -1.56 -0.39
C THR A 32 -38.05 -2.70 -1.37
N CYS A 33 -38.68 -2.37 -2.50
CA CYS A 33 -38.84 -3.30 -3.62
C CYS A 33 -38.03 -2.80 -4.80
N VAL A 34 -37.21 -3.68 -5.35
CA VAL A 34 -36.33 -3.33 -6.47
C VAL A 34 -36.72 -4.21 -7.63
N VAL A 35 -37.01 -3.58 -8.77
CA VAL A 35 -37.30 -4.27 -10.02
C VAL A 35 -36.06 -4.15 -10.89
N VAL A 36 -35.42 -5.28 -11.17
CA VAL A 36 -34.22 -5.31 -12.00
C VAL A 36 -34.57 -5.87 -13.37
N ASP A 37 -33.77 -5.44 -14.36
CA ASP A 37 -33.85 -5.95 -15.72
C ASP A 37 -35.16 -5.57 -16.39
N VAL A 38 -35.63 -4.36 -16.11
CA VAL A 38 -36.68 -3.77 -16.92
C VAL A 38 -36.05 -3.27 -18.21
N SER A 39 -36.73 -3.50 -19.34
CA SER A 39 -36.17 -3.16 -20.64
C SER A 39 -36.07 -1.65 -20.82
N GLU A 40 -34.99 -1.22 -21.50
CA GLU A 40 -34.87 0.18 -21.93
C GLU A 40 -36.05 0.61 -22.79
N ASP A 41 -36.66 -0.33 -23.54
CA ASP A 41 -37.78 -0.02 -24.42
C ASP A 41 -39.09 0.14 -23.67
N ASP A 42 -39.19 -0.38 -22.46
CA ASP A 42 -40.43 -0.37 -21.68
C ASP A 42 -40.08 -0.10 -20.22
N PRO A 43 -39.60 1.12 -19.92
CA PRO A 43 -39.16 1.41 -18.55
C PRO A 43 -40.29 1.59 -17.55
N ASP A 44 -41.52 1.79 -18.03
CA ASP A 44 -42.65 2.01 -17.13
C ASP A 44 -43.00 0.74 -16.38
N VAL A 45 -43.44 0.91 -15.15
CA VAL A 45 -43.71 -0.18 -14.21
C VAL A 45 -44.85 0.29 -13.33
N GLN A 46 -45.79 -0.60 -13.02
CA GLN A 46 -46.83 -0.27 -12.04
C GLN A 46 -46.52 -0.97 -10.71
N ILE A 47 -46.55 -0.21 -9.61
CA ILE A 47 -46.16 -0.71 -8.29
C ILE A 47 -47.18 -0.25 -7.26
N SER A 48 -47.72 -1.20 -6.50
CA SER A 48 -48.63 -0.89 -5.42
C SER A 48 -48.14 -1.55 -4.13
N TRP A 49 -48.56 -0.99 -2.99
CA TRP A 49 -48.02 -1.39 -1.71
C TRP A 49 -49.15 -1.68 -0.73
N PHE A 50 -48.96 -2.71 0.09
CA PHE A 50 -49.98 -3.15 1.03
C PHE A 50 -49.34 -3.46 2.38
N VAL A 51 -49.91 -2.88 3.42
CA VAL A 51 -49.59 -3.21 4.80
C VAL A 51 -50.76 -4.03 5.32
N ASN A 52 -50.53 -5.32 5.56
CA ASN A 52 -51.60 -6.25 5.93
C ASN A 52 -52.77 -6.12 4.96
N ASN A 53 -52.44 -6.07 3.67
CA ASN A 53 -53.38 -6.07 2.55
C ASN A 53 -54.26 -4.82 2.46
N VAL A 54 -53.95 -3.79 3.22
CA VAL A 54 -54.51 -2.47 2.97
C VAL A 54 -53.55 -1.69 2.09
N GLU A 55 -54.04 -1.22 0.94
CA GLU A 55 -53.19 -0.41 0.08
C GLU A 55 -52.80 0.89 0.79
N VAL A 56 -51.51 1.25 0.66
CA VAL A 56 -50.97 2.51 1.16
C VAL A 56 -50.31 3.22 -0.02
N HIS A 57 -50.19 4.54 0.08
CA HIS A 57 -49.83 5.34 -1.09
C HIS A 57 -48.65 6.25 -0.82
N THR A 58 -47.78 5.86 0.10
CA THR A 58 -46.74 6.72 0.61
C THR A 58 -45.37 6.43 0.01
N ALA A 59 -45.28 5.44 -0.86
CA ALA A 59 -43.99 4.98 -1.35
C ALA A 59 -43.36 5.99 -2.30
N GLN A 60 -42.03 6.04 -2.25
CA GLN A 60 -41.22 6.80 -3.19
C GLN A 60 -40.63 5.83 -4.19
N THR A 61 -40.81 6.13 -5.47
CA THR A 61 -40.32 5.29 -6.53
C THR A 61 -39.41 6.11 -7.42
N GLN A 62 -38.23 5.59 -7.70
CA GLN A 62 -37.30 6.17 -8.64
C GLN A 62 -36.90 5.12 -9.65
N THR A 63 -36.80 5.52 -10.90
CA THR A 63 -36.30 4.67 -11.97
C THR A 63 -34.85 5.06 -12.26
N HIS A 64 -34.00 4.06 -12.42
CA HIS A 64 -32.58 4.27 -12.67
C HIS A 64 -32.22 3.60 -13.98
N ARG A 65 -31.48 4.32 -14.82
CA ARG A 65 -30.84 3.71 -15.97
C ARG A 65 -29.57 3.01 -15.47
N GLU A 66 -29.51 1.69 -15.66
CA GLU A 66 -28.32 0.90 -15.31
C GLU A 66 -27.44 0.82 -16.55
N ASP A 67 -26.65 1.89 -16.76
CA ASP A 67 -25.80 1.99 -17.94
C ASP A 67 -24.79 0.86 -18.03
N TYR A 68 -24.52 0.14 -16.93
CA TYR A 68 -23.47 -0.88 -16.95
C TYR A 68 -23.77 -1.97 -17.97
N ASN A 69 -25.03 -2.45 -18.01
CA ASN A 69 -25.45 -3.45 -18.98
C ASN A 69 -26.72 -3.01 -19.73
N SER A 70 -26.93 -1.69 -19.86
CA SER A 70 -28.02 -1.09 -20.64
C SER A 70 -29.38 -1.68 -20.25
N THR A 71 -29.69 -1.62 -18.95
CA THR A 71 -30.98 -2.06 -18.42
C THR A 71 -31.59 -0.94 -17.59
N ILE A 72 -32.75 -1.24 -17.01
CA ILE A 72 -33.50 -0.32 -16.16
C ILE A 72 -33.73 -0.97 -14.81
N ARG A 73 -33.63 -0.17 -13.75
CA ARG A 73 -33.89 -0.60 -12.39
C ARG A 73 -34.88 0.37 -11.78
N VAL A 74 -35.94 -0.16 -11.19
CA VAL A 74 -36.92 0.63 -10.45
C VAL A 74 -36.83 0.28 -8.97
N VAL A 75 -36.63 1.29 -8.15
CA VAL A 75 -36.55 1.10 -6.70
C VAL A 75 -37.69 1.86 -6.06
N SER A 76 -38.50 1.14 -5.29
CA SER A 76 -39.63 1.73 -4.59
C SER A 76 -39.44 1.47 -3.10
N THR A 77 -39.49 2.51 -2.29
CA THR A 77 -39.28 2.38 -0.86
C THR A 77 -40.55 2.84 -0.16
N LEU A 78 -41.13 1.96 0.63
CA LEU A 78 -42.28 2.31 1.42
C LEU A 78 -41.83 2.75 2.80
N PRO A 79 -42.12 3.99 3.22
CA PRO A 79 -41.86 4.35 4.62
C PRO A 79 -42.86 3.65 5.54
N ILE A 80 -42.36 3.10 6.65
CA ILE A 80 -43.20 2.28 7.50
C ILE A 80 -43.07 2.71 8.96
N GLN A 81 -44.13 2.46 9.72
CA GLN A 81 -44.11 2.71 11.16
C GLN A 81 -43.29 1.64 11.87
N HIS A 82 -42.46 2.09 12.81
CA HIS A 82 -41.63 1.19 13.61
C HIS A 82 -42.46 0.09 14.24
N GLN A 83 -43.53 0.45 14.95
CA GLN A 83 -44.36 -0.55 15.59
C GLN A 83 -44.93 -1.56 14.60
N ASP A 84 -45.22 -1.13 13.37
CA ASP A 84 -45.79 -2.05 12.39
C ASP A 84 -44.79 -3.11 11.97
N TRP A 85 -43.53 -2.70 11.83
CA TRP A 85 -42.48 -3.67 11.54
C TRP A 85 -42.25 -4.58 12.73
N MET A 86 -42.11 -4.00 13.92
CA MET A 86 -41.73 -4.79 15.10
C MET A 86 -42.83 -5.79 15.46
N SER A 87 -44.09 -5.45 15.21
CA SER A 87 -45.21 -6.31 15.58
C SER A 87 -45.53 -7.36 14.53
N GLY A 88 -44.83 -7.35 13.40
CA GLY A 88 -44.92 -8.44 12.45
C GLY A 88 -45.95 -8.30 11.36
N LYS A 89 -46.48 -7.10 11.12
CA LYS A 89 -47.34 -6.87 9.97
C LYS A 89 -46.64 -7.24 8.67
N GLU A 90 -47.43 -7.64 7.66
CA GLU A 90 -46.92 -8.09 6.37
C GLU A 90 -46.87 -6.91 5.41
N PHE A 91 -45.69 -6.66 4.83
CA PHE A 91 -45.50 -5.61 3.84
C PHE A 91 -45.33 -6.25 2.46
N LYS A 92 -46.10 -5.77 1.48
CA LYS A 92 -46.19 -6.42 0.18
C LYS A 92 -46.14 -5.41 -0.95
N CYS A 93 -45.34 -5.69 -1.96
CA CYS A 93 -45.40 -4.89 -3.18
C CYS A 93 -45.84 -5.78 -4.34
N LYS A 94 -46.70 -5.24 -5.19
CA LYS A 94 -47.14 -5.91 -6.41
C LYS A 94 -46.62 -5.10 -7.58
N VAL A 95 -45.99 -5.77 -8.54
CA VAL A 95 -45.31 -5.11 -9.65
C VAL A 95 -45.88 -5.63 -10.96
N ASN A 96 -46.19 -4.71 -11.87
CA ASN A 96 -46.49 -5.08 -13.24
C ASN A 96 -45.68 -4.24 -14.20
N ASN A 97 -45.54 -4.79 -15.42
CA ASN A 97 -44.72 -4.26 -16.51
C ASN A 97 -45.22 -4.92 -17.79
N LYS A 98 -44.89 -4.32 -18.93
CA LYS A 98 -45.26 -4.95 -20.20
C LYS A 98 -44.75 -6.37 -20.27
N ASP A 99 -43.46 -6.56 -19.96
CA ASP A 99 -42.73 -7.80 -20.16
C ASP A 99 -42.99 -8.83 -19.08
N LEU A 100 -43.95 -8.58 -18.18
CA LEU A 100 -44.37 -9.56 -17.17
C LEU A 100 -45.76 -10.03 -17.51
N PRO A 101 -45.95 -11.33 -17.77
CA PRO A 101 -47.30 -11.88 -18.01
C PRO A 101 -48.33 -11.41 -17.00
N SER A 102 -48.12 -11.74 -15.75
CA SER A 102 -48.99 -11.32 -14.66
C SER A 102 -48.16 -10.61 -13.61
N PRO A 103 -48.81 -9.92 -12.68
CA PRO A 103 -48.07 -9.12 -11.69
C PRO A 103 -47.33 -9.98 -10.68
N ILE A 104 -46.10 -9.57 -10.39
CA ILE A 104 -45.26 -10.22 -9.38
C ILE A 104 -45.56 -9.61 -8.02
N GLU A 105 -45.87 -10.47 -7.03
CA GLU A 105 -45.98 -10.08 -5.64
C GLU A 105 -44.74 -10.50 -4.86
N ARG A 106 -44.23 -9.61 -4.01
CA ARG A 106 -43.22 -9.95 -3.00
C ARG A 106 -43.71 -9.49 -1.64
N THR A 107 -43.57 -10.35 -0.63
CA THR A 107 -43.97 -10.05 0.74
C THR A 107 -42.77 -10.18 1.69
N ILE A 108 -42.85 -9.48 2.81
CA ILE A 108 -41.80 -9.53 3.81
C ILE A 108 -42.39 -9.11 5.14
N SER A 109 -41.91 -9.72 6.22
CA SER A 109 -42.23 -9.26 7.56
C SER A 109 -41.10 -9.67 8.50
N LYS A 110 -41.11 -9.08 9.70
CA LYS A 110 -40.14 -9.44 10.73
C LYS A 110 -40.37 -10.87 11.22
N ILE A 111 -39.34 -11.71 11.14
CA ILE A 111 -39.45 -13.06 11.73
C ILE A 111 -39.63 -12.96 13.24
N LYS A 112 -40.57 -13.74 13.79
CA LYS A 112 -40.66 -13.94 15.24
C LYS A 112 -39.61 -14.97 15.62
N GLY A 113 -38.41 -14.50 15.99
CA GLY A 113 -37.36 -15.36 16.47
C GLY A 113 -37.07 -15.15 17.94
N LEU A 114 -36.12 -15.95 18.43
CA LEU A 114 -35.53 -15.71 19.73
C LEU A 114 -34.89 -14.34 19.78
N VAL A 115 -35.10 -13.61 20.89
CA VAL A 115 -34.38 -12.39 21.17
C VAL A 115 -33.46 -12.63 22.35
N ARG A 116 -32.17 -12.41 22.13
CA ARG A 116 -31.13 -12.62 23.13
C ARG A 116 -30.31 -11.34 23.18
N ALA A 117 -30.19 -10.75 24.37
CA ALA A 117 -29.46 -9.51 24.54
C ALA A 117 -27.96 -9.79 24.61
N PRO A 118 -27.13 -8.99 23.93
CA PRO A 118 -25.69 -9.27 23.91
C PRO A 118 -24.97 -8.66 25.11
N GLN A 119 -23.77 -9.17 25.36
CA GLN A 119 -22.77 -8.46 26.16
C GLN A 119 -21.90 -7.59 25.25
N VAL A 120 -21.53 -6.40 25.73
CA VAL A 120 -20.72 -5.46 24.98
C VAL A 120 -19.42 -5.19 25.75
N TYR A 121 -18.27 -5.46 25.11
CA TYR A 121 -16.97 -5.10 25.65
C TYR A 121 -16.25 -4.13 24.71
N ILE A 122 -15.42 -3.26 25.28
CA ILE A 122 -14.46 -2.46 24.52
C ILE A 122 -13.05 -2.91 24.91
N LEU A 123 -12.23 -3.20 23.92
CA LEU A 123 -10.89 -3.62 24.23
C LEU A 123 -9.94 -2.48 23.91
N PRO A 124 -8.95 -2.17 24.77
CA PRO A 124 -7.98 -1.14 24.44
C PRO A 124 -7.05 -1.60 23.33
N PRO A 125 -6.18 -0.74 22.81
CA PRO A 125 -5.28 -1.21 21.77
C PRO A 125 -4.36 -2.28 22.31
N PRO A 126 -3.98 -3.25 21.50
CA PRO A 126 -2.89 -4.15 21.88
C PRO A 126 -1.63 -3.35 22.22
N ALA A 127 -0.89 -3.83 23.22
CA ALA A 127 0.29 -3.10 23.70
C ALA A 127 1.28 -2.79 22.58
N GLU A 128 1.55 -3.79 21.73
CA GLU A 128 2.50 -3.65 20.63
C GLU A 128 2.08 -2.61 19.59
N GLN A 129 0.85 -2.12 19.65
CA GLN A 129 0.37 -1.12 18.69
C GLN A 129 0.53 0.30 19.21
N LEU A 130 0.79 0.48 20.50
CA LEU A 130 0.79 1.81 21.09
C LEU A 130 1.96 2.68 20.66
N SER A 131 2.93 2.09 19.95
CA SER A 131 4.03 2.87 19.41
C SER A 131 3.61 3.63 18.17
N ARG A 132 2.64 3.09 17.43
CA ARG A 132 2.32 3.52 16.09
C ARG A 132 1.66 4.90 16.08
N LYS A 133 1.42 5.39 14.87
CA LYS A 133 0.75 6.67 14.72
C LYS A 133 -0.77 6.54 14.90
N ASP A 134 -1.31 5.33 14.73
CA ASP A 134 -2.72 5.02 14.93
C ASP A 134 -2.88 3.78 15.78
N VAL A 135 -3.91 3.78 16.62
CA VAL A 135 -4.29 2.62 17.41
C VAL A 135 -5.71 2.22 17.05
N SER A 136 -6.03 0.97 17.37
CA SER A 136 -7.33 0.38 17.11
C SER A 136 -8.03 0.13 18.44
N LEU A 137 -9.25 0.64 18.56
CA LEU A 137 -10.15 0.26 19.65
C LEU A 137 -11.07 -0.83 19.10
N THR A 138 -11.27 -1.88 19.88
CA THR A 138 -12.10 -3.01 19.47
C THR A 138 -13.35 -3.06 20.32
N CYS A 139 -14.49 -3.04 19.68
CA CYS A 139 -15.74 -3.32 20.37
C CYS A 139 -16.19 -4.73 20.03
N LEU A 140 -16.32 -5.58 21.04
CA LEU A 140 -16.74 -6.96 20.89
C LEU A 140 -18.16 -7.12 21.46
N VAL A 141 -19.11 -7.48 20.60
CA VAL A 141 -20.50 -7.66 20.99
C VAL A 141 -20.83 -9.13 20.81
N VAL A 142 -21.25 -9.79 21.89
CA VAL A 142 -21.28 -11.25 21.97
C VAL A 142 -22.65 -11.74 22.43
N GLY A 143 -23.17 -12.75 21.74
CA GLY A 143 -24.32 -13.45 22.26
C GLY A 143 -25.66 -12.80 22.01
N PHE A 144 -25.89 -12.29 20.81
CA PHE A 144 -27.18 -11.70 20.45
C PHE A 144 -27.90 -12.54 19.40
N ASN A 145 -29.24 -12.45 19.43
CA ASN A 145 -30.18 -12.97 18.44
C ASN A 145 -31.33 -11.97 18.43
N PRO A 146 -31.91 -11.67 17.26
CA PRO A 146 -31.41 -12.12 15.96
C PRO A 146 -30.09 -11.40 15.58
N GLY A 147 -29.55 -11.68 14.37
CA GLY A 147 -28.26 -11.16 13.98
C GLY A 147 -28.31 -9.79 13.34
N ASP A 148 -29.28 -8.97 13.70
CA ASP A 148 -29.38 -7.61 13.19
C ASP A 148 -28.99 -6.69 14.34
N ILE A 149 -28.01 -5.82 14.10
CA ILE A 149 -27.42 -5.03 15.17
C ILE A 149 -26.79 -3.81 14.53
N SER A 150 -26.76 -2.71 15.28
CA SER A 150 -26.08 -1.50 14.85
C SER A 150 -25.03 -1.13 15.89
N VAL A 151 -23.79 -0.96 15.45
CA VAL A 151 -22.67 -0.63 16.30
C VAL A 151 -22.00 0.60 15.75
N GLU A 152 -21.96 1.68 16.54
CA GLU A 152 -21.38 2.94 16.14
C GLU A 152 -20.51 3.47 17.27
N TRP A 153 -19.71 4.48 16.97
CA TRP A 153 -18.71 4.98 17.89
C TRP A 153 -18.87 6.48 18.11
N THR A 154 -18.64 6.90 19.33
CA THR A 154 -18.53 8.32 19.62
C THR A 154 -17.29 8.52 20.47
N SER A 155 -16.76 9.74 20.43
CA SER A 155 -15.84 10.22 21.45
C SER A 155 -16.63 11.27 22.20
N ASN A 156 -17.01 10.93 23.44
CA ASN A 156 -18.04 11.62 24.20
C ASN A 156 -19.36 11.55 23.45
N GLY A 157 -19.87 12.68 22.96
CA GLY A 157 -21.10 12.64 22.17
C GLY A 157 -20.90 12.67 20.66
N HIS A 158 -19.68 12.99 20.21
CA HIS A 158 -19.43 13.31 18.81
C HIS A 158 -19.11 12.06 17.99
N THR A 159 -19.76 11.95 16.83
CA THR A 159 -19.64 10.78 15.98
C THR A 159 -18.20 10.54 15.53
N GLU A 160 -17.75 9.29 15.64
CA GLU A 160 -16.43 8.85 15.19
C GLU A 160 -16.66 7.86 14.05
N GLU A 161 -16.38 8.29 12.82
CA GLU A 161 -16.81 7.55 11.64
C GLU A 161 -15.71 6.65 11.05
N ASN A 162 -14.51 6.65 11.62
CA ASN A 162 -13.38 5.90 11.08
C ASN A 162 -13.37 4.45 11.63
N TYR A 163 -14.44 3.71 11.38
CA TYR A 163 -14.53 2.36 11.91
C TYR A 163 -15.05 1.42 10.84
N LYS A 164 -14.70 0.15 11.01
CA LYS A 164 -15.29 -0.92 10.22
C LYS A 164 -15.58 -2.09 11.13
N ASP A 165 -16.72 -2.73 10.91
CA ASP A 165 -17.03 -3.90 11.70
C ASP A 165 -17.09 -5.11 10.78
N THR A 166 -17.15 -6.28 11.41
CA THR A 166 -17.24 -7.52 10.67
C THR A 166 -18.72 -7.75 10.30
N ALA A 167 -19.02 -8.82 9.62
CA ALA A 167 -20.41 -9.23 9.66
C ALA A 167 -20.74 -9.70 11.08
N PRO A 168 -22.03 -9.80 11.45
CA PRO A 168 -22.35 -10.68 12.59
C PRO A 168 -21.92 -12.09 12.24
N VAL A 169 -21.32 -12.79 13.20
CA VAL A 169 -20.83 -14.14 12.95
C VAL A 169 -21.57 -15.07 13.90
N LEU A 170 -22.13 -16.13 13.36
CA LEU A 170 -22.87 -17.11 14.14
C LEU A 170 -21.89 -17.94 14.97
N ASP A 171 -22.05 -17.88 16.30
CA ASP A 171 -21.17 -18.57 17.23
C ASP A 171 -21.54 -20.05 17.36
N SER A 172 -20.86 -20.73 18.30
CA SER A 172 -21.08 -22.15 18.56
C SER A 172 -22.44 -22.40 19.20
N ASP A 173 -22.91 -21.47 20.01
CA ASP A 173 -24.14 -21.63 20.77
C ASP A 173 -25.36 -21.10 20.04
N GLY A 174 -25.25 -20.87 18.72
CA GLY A 174 -26.34 -20.35 17.92
C GLY A 174 -26.66 -18.89 18.14
N SER A 175 -25.92 -18.19 19.01
CA SER A 175 -26.00 -16.74 19.06
C SER A 175 -24.96 -16.11 18.13
N TYR A 176 -25.05 -14.80 17.91
CA TYR A 176 -24.11 -14.10 17.06
C TYR A 176 -23.12 -13.29 17.89
N PHE A 177 -21.95 -13.06 17.32
CA PHE A 177 -21.06 -12.02 17.84
C PHE A 177 -20.60 -11.14 16.68
N ILE A 178 -20.02 -9.99 17.02
CA ILE A 178 -19.53 -9.06 16.02
C ILE A 178 -18.40 -8.24 16.63
N TYR A 179 -17.39 -7.95 15.82
CA TYR A 179 -16.29 -7.07 16.20
C TYR A 179 -16.39 -5.78 15.41
N SER A 180 -16.09 -4.66 16.06
CA SER A 180 -16.04 -3.36 15.41
C SER A 180 -14.73 -2.70 15.78
N LYS A 181 -14.00 -2.24 14.76
CA LYS A 181 -12.66 -1.67 14.93
C LYS A 181 -12.71 -0.18 14.59
N LEU A 182 -12.38 0.65 15.55
CA LEU A 182 -12.26 2.09 15.34
C LEU A 182 -10.78 2.45 15.37
N ASN A 183 -10.27 2.97 14.27
CA ASN A 183 -8.88 3.41 14.19
C ASN A 183 -8.77 4.88 14.58
N MET A 184 -7.81 5.18 15.44
CA MET A 184 -7.64 6.55 15.90
C MET A 184 -6.16 6.90 15.98
N LYS A 185 -5.88 8.20 15.88
CA LYS A 185 -4.53 8.71 16.13
C LYS A 185 -4.11 8.40 17.56
N THR A 186 -2.90 7.85 17.72
CA THR A 186 -2.38 7.56 19.04
C THR A 186 -2.38 8.79 19.93
N SER A 187 -2.21 9.98 19.35
CA SER A 187 -2.24 11.21 20.15
C SER A 187 -3.62 11.43 20.76
N LYS A 188 -4.68 11.16 20.00
CA LYS A 188 -6.02 11.27 20.59
C LYS A 188 -6.31 10.21 21.62
N TRP A 189 -5.77 9.01 21.43
CA TRP A 189 -5.91 8.01 22.47
C TRP A 189 -5.32 8.50 23.79
N GLU A 190 -4.31 9.36 23.74
CA GLU A 190 -3.78 9.86 25.01
C GLU A 190 -4.40 11.17 25.44
N LYS A 191 -4.86 12.02 24.51
CA LYS A 191 -5.51 13.28 24.88
C LYS A 191 -7.00 13.09 25.22
N THR A 192 -7.78 12.51 24.30
CA THR A 192 -9.23 12.43 24.48
C THR A 192 -9.58 11.58 25.69
N ASP A 193 -10.56 12.06 26.48
CA ASP A 193 -10.89 11.38 27.72
C ASP A 193 -11.70 10.12 27.47
N SER A 194 -12.53 10.06 26.43
CA SER A 194 -13.35 8.85 26.38
C SER A 194 -13.75 8.50 24.94
N PHE A 195 -13.86 7.19 24.70
CA PHE A 195 -14.40 6.65 23.46
C PHE A 195 -15.49 5.66 23.78
N SER A 196 -16.57 5.72 23.00
CA SER A 196 -17.75 4.95 23.29
C SER A 196 -18.11 4.09 22.09
N CYS A 197 -18.42 2.84 22.37
CA CYS A 197 -19.04 1.90 21.45
C CYS A 197 -20.53 1.91 21.76
N ASN A 198 -21.36 2.20 20.77
CA ASN A 198 -22.79 2.40 20.99
C ASN A 198 -23.57 1.33 20.22
N VAL A 199 -24.26 0.46 20.95
CA VAL A 199 -24.87 -0.74 20.39
C VAL A 199 -26.38 -0.58 20.43
N ARG A 200 -27.02 -0.73 19.27
CA ARG A 200 -28.47 -0.75 19.20
C ARG A 200 -28.90 -2.16 18.83
N HIS A 201 -29.73 -2.77 19.68
CA HIS A 201 -30.19 -4.13 19.46
C HIS A 201 -31.55 -4.31 20.10
N GLU A 202 -32.35 -5.16 19.45
CA GLU A 202 -33.70 -5.50 19.87
C GLU A 202 -33.75 -5.97 21.33
N GLY A 203 -32.74 -6.69 21.78
CA GLY A 203 -32.77 -7.24 23.12
C GLY A 203 -32.24 -6.35 24.21
N LEU A 204 -31.72 -5.18 23.87
CA LEU A 204 -31.21 -4.29 24.91
C LEU A 204 -32.33 -3.41 25.44
N LYS A 205 -32.22 -3.05 26.72
CA LYS A 205 -33.14 -2.10 27.30
C LYS A 205 -33.07 -0.77 26.55
N ASN A 206 -34.23 -0.27 26.15
CA ASN A 206 -34.37 0.93 25.33
C ASN A 206 -33.68 0.78 23.98
N TYR A 207 -33.32 -0.46 23.61
CA TYR A 207 -32.65 -0.75 22.34
C TYR A 207 -31.28 -0.08 22.22
N TYR A 208 -30.60 0.15 23.34
CA TYR A 208 -29.40 0.96 23.30
C TYR A 208 -28.52 0.67 24.50
N LEU A 209 -27.24 0.39 24.25
CA LEU A 209 -26.25 0.30 25.31
C LEU A 209 -24.98 1.01 24.85
N LYS A 210 -24.44 1.87 25.73
CA LYS A 210 -23.18 2.57 25.51
C LYS A 210 -22.12 1.95 26.43
N LYS A 211 -20.98 1.52 25.86
CA LYS A 211 -19.81 1.12 26.63
C LYS A 211 -18.70 2.12 26.34
N THR A 212 -17.98 2.54 27.39
CA THR A 212 -17.00 3.59 27.28
C THR A 212 -15.65 3.14 27.84
N ILE A 213 -14.58 3.61 27.20
CA ILE A 213 -13.20 3.29 27.55
C ILE A 213 -12.37 4.58 27.55
N SER A 214 -11.34 4.59 28.41
CA SER A 214 -10.28 5.59 28.43
C SER A 214 -8.92 4.90 28.61
N ARG A 215 -7.89 5.58 28.13
CA ARG A 215 -6.53 5.20 28.45
C ARG A 215 -6.30 5.29 29.97
N SER A 216 -5.64 4.28 30.52
CA SER A 216 -5.26 4.33 31.92
C SER A 216 -3.74 4.37 32.09
N GLY B 9 -29.09 -28.36 -18.63
CA GLY B 9 -28.28 -29.49 -18.19
C GLY B 9 -27.47 -29.25 -16.93
N PRO B 10 -26.26 -29.80 -16.87
CA PRO B 10 -25.39 -29.58 -15.71
C PRO B 10 -24.53 -28.33 -15.82
N SER B 11 -24.18 -27.79 -14.66
CA SER B 11 -23.32 -26.63 -14.54
C SER B 11 -22.02 -27.04 -13.86
N VAL B 12 -20.97 -26.26 -14.09
CA VAL B 12 -19.63 -26.59 -13.65
C VAL B 12 -19.04 -25.37 -12.95
N PHE B 13 -18.36 -25.60 -11.83
CA PHE B 13 -17.71 -24.54 -11.08
C PHE B 13 -16.33 -25.02 -10.69
N ILE B 14 -15.34 -24.12 -10.74
CA ILE B 14 -13.98 -24.45 -10.37
C ILE B 14 -13.58 -23.64 -9.14
N PHE B 15 -12.70 -24.21 -8.32
CA PHE B 15 -12.37 -23.62 -7.03
C PHE B 15 -10.88 -23.68 -6.76
N PRO B 16 -10.32 -22.65 -6.12
CA PRO B 16 -8.88 -22.63 -5.84
C PRO B 16 -8.57 -23.50 -4.64
N PRO B 17 -7.29 -23.83 -4.41
CA PRO B 17 -6.93 -24.54 -3.18
C PRO B 17 -7.16 -23.68 -1.94
N ASN B 18 -7.23 -24.34 -0.79
CA ASN B 18 -7.24 -23.61 0.47
C ASN B 18 -5.88 -22.97 0.70
N ILE B 19 -5.89 -21.69 1.09
CA ILE B 19 -4.62 -20.96 1.23
C ILE B 19 -3.68 -21.67 2.20
N LYS B 20 -4.22 -22.30 3.26
CA LYS B 20 -3.34 -22.99 4.19
C LYS B 20 -2.60 -24.13 3.52
N ASP B 21 -3.29 -24.87 2.64
CA ASP B 21 -2.65 -25.97 1.92
C ASP B 21 -1.58 -25.46 0.98
N VAL B 22 -1.78 -24.27 0.42
CA VAL B 22 -0.78 -23.70 -0.47
C VAL B 22 0.46 -23.29 0.29
N LEU B 23 0.29 -22.74 1.48
CA LEU B 23 1.42 -22.14 2.18
C LEU B 23 2.16 -23.12 3.08
N MET B 24 1.64 -24.33 3.23
CA MET B 24 2.21 -25.33 4.11
C MET B 24 2.68 -26.49 3.25
N ILE B 25 4.00 -26.63 3.12
CA ILE B 25 4.53 -27.55 2.12
C ILE B 25 4.18 -29.00 2.45
N SER B 26 3.89 -29.31 3.70
CA SER B 26 3.54 -30.67 4.09
C SER B 26 2.11 -31.04 3.73
N LEU B 27 1.31 -30.08 3.26
CA LEU B 27 -0.06 -30.33 2.87
C LEU B 27 -0.14 -30.40 1.34
N THR B 28 -1.29 -30.85 0.85
CA THR B 28 -1.52 -31.04 -0.58
C THR B 28 -2.61 -30.08 -1.04
N PRO B 29 -2.25 -28.98 -1.72
CA PRO B 29 -3.29 -28.12 -2.29
C PRO B 29 -3.97 -28.81 -3.46
N LYS B 30 -5.27 -28.52 -3.64
CA LYS B 30 -6.06 -29.11 -4.71
C LYS B 30 -6.96 -28.06 -5.38
N VAL B 31 -7.04 -28.13 -6.68
CA VAL B 31 -8.02 -27.39 -7.46
C VAL B 31 -9.23 -28.30 -7.64
N THR B 32 -10.42 -27.75 -7.52
CA THR B 32 -11.62 -28.58 -7.51
C THR B 32 -12.57 -28.17 -8.63
N CYS B 33 -13.04 -29.15 -9.37
CA CYS B 33 -14.03 -28.97 -10.41
C CYS B 33 -15.31 -29.68 -9.97
N VAL B 34 -16.42 -28.96 -9.91
CA VAL B 34 -17.68 -29.51 -9.41
C VAL B 34 -18.73 -29.43 -10.50
N VAL B 35 -19.24 -30.58 -10.90
CA VAL B 35 -20.33 -30.68 -11.86
C VAL B 35 -21.62 -30.87 -11.07
N VAL B 36 -22.53 -29.91 -11.19
CA VAL B 36 -23.75 -29.81 -10.38
C VAL B 36 -24.95 -30.26 -11.21
N ASP B 37 -25.91 -30.95 -10.57
CA ASP B 37 -27.15 -31.39 -11.22
C ASP B 37 -26.88 -32.37 -12.36
N VAL B 38 -26.12 -33.40 -12.05
CA VAL B 38 -25.84 -34.45 -13.01
C VAL B 38 -27.07 -35.35 -13.10
N SER B 39 -27.43 -35.75 -14.32
CA SER B 39 -28.61 -36.58 -14.50
C SER B 39 -28.36 -38.00 -14.01
N GLU B 40 -29.38 -38.60 -13.39
CA GLU B 40 -29.21 -39.96 -12.88
C GLU B 40 -29.26 -41.00 -13.99
N ASP B 41 -30.11 -40.80 -15.01
CA ASP B 41 -30.08 -41.68 -16.17
C ASP B 41 -28.67 -41.71 -16.76
N ASP B 42 -27.98 -40.58 -16.71
CA ASP B 42 -26.70 -40.32 -17.37
C ASP B 42 -25.69 -39.84 -16.34
N PRO B 43 -25.21 -40.69 -15.43
CA PRO B 43 -24.24 -40.19 -14.44
C PRO B 43 -22.79 -40.26 -14.89
N ASP B 44 -22.50 -40.81 -16.08
CA ASP B 44 -21.13 -40.89 -16.59
C ASP B 44 -20.61 -39.50 -16.95
N VAL B 45 -19.60 -39.04 -16.25
CA VAL B 45 -19.00 -37.74 -16.53
C VAL B 45 -17.51 -37.96 -16.65
N GLN B 46 -16.93 -37.52 -17.76
CA GLN B 46 -15.48 -37.55 -17.87
C GLN B 46 -14.92 -36.15 -17.63
N ILE B 47 -14.05 -36.02 -16.64
CA ILE B 47 -13.42 -34.77 -16.27
C ILE B 47 -11.93 -34.92 -16.51
N SER B 48 -11.39 -34.10 -17.40
CA SER B 48 -9.96 -34.15 -17.62
C SER B 48 -9.34 -32.83 -17.19
N TRP B 49 -8.05 -32.88 -16.90
CA TRP B 49 -7.37 -31.78 -16.24
C TRP B 49 -6.13 -31.35 -17.03
N PHE B 50 -5.86 -30.05 -17.00
CA PHE B 50 -4.75 -29.46 -17.72
C PHE B 50 -4.05 -28.42 -16.86
N VAL B 51 -2.71 -28.52 -16.77
CA VAL B 51 -1.84 -27.53 -16.15
C VAL B 51 -1.04 -26.84 -17.26
N ASN B 52 -1.32 -25.56 -17.51
CA ASN B 52 -0.78 -24.84 -18.68
C ASN B 52 -0.97 -25.66 -19.95
N ASN B 53 -2.23 -26.04 -20.18
CA ASN B 53 -2.70 -26.79 -21.35
C ASN B 53 -2.02 -28.15 -21.53
N VAL B 54 -1.36 -28.68 -20.48
CA VAL B 54 -0.76 -30.01 -20.48
C VAL B 54 -1.65 -30.93 -19.65
N GLU B 55 -2.09 -32.06 -20.23
CA GLU B 55 -3.01 -32.92 -19.52
C GLU B 55 -2.30 -33.67 -18.40
N VAL B 56 -2.97 -33.81 -17.25
CA VAL B 56 -2.46 -34.57 -16.11
C VAL B 56 -3.52 -35.58 -15.68
N HIS B 57 -3.07 -36.55 -14.87
CA HIS B 57 -3.90 -37.73 -14.63
C HIS B 57 -3.99 -38.08 -13.16
N THR B 58 -3.77 -37.12 -12.26
CA THR B 58 -3.70 -37.37 -10.83
C THR B 58 -4.99 -37.03 -10.09
N ALA B 59 -5.97 -36.44 -10.78
CA ALA B 59 -7.18 -35.99 -10.13
C ALA B 59 -7.97 -37.16 -9.57
N GLN B 60 -8.59 -36.95 -8.41
CA GLN B 60 -9.48 -37.92 -7.80
C GLN B 60 -10.91 -37.44 -7.99
N THR B 61 -11.74 -38.28 -8.60
CA THR B 61 -13.09 -37.90 -9.01
C THR B 61 -14.08 -38.80 -8.29
N GLN B 62 -15.12 -38.19 -7.72
CA GLN B 62 -16.12 -38.91 -6.96
C GLN B 62 -17.50 -38.36 -7.28
N THR B 63 -18.49 -39.25 -7.30
CA THR B 63 -19.89 -38.87 -7.43
C THR B 63 -20.51 -38.83 -6.04
N HIS B 64 -21.35 -37.81 -5.80
CA HIS B 64 -22.01 -37.62 -4.51
C HIS B 64 -23.50 -37.41 -4.71
N ARG B 65 -24.30 -38.12 -3.92
CA ARG B 65 -25.73 -37.87 -3.84
C ARG B 65 -25.98 -36.66 -2.93
N GLU B 66 -26.64 -35.64 -3.45
CA GLU B 66 -26.97 -34.46 -2.67
C GLU B 66 -28.38 -34.66 -2.11
N ASP B 67 -28.48 -35.08 -0.86
CA ASP B 67 -29.80 -35.37 -0.33
C ASP B 67 -30.60 -34.12 0.04
N TYR B 68 -29.97 -32.94 0.01
CA TYR B 68 -30.71 -31.70 0.22
C TYR B 68 -31.88 -31.57 -0.73
N ASN B 69 -31.68 -31.90 -2.02
CA ASN B 69 -32.68 -31.77 -3.06
C ASN B 69 -32.67 -32.95 -4.01
N SER B 70 -32.12 -34.09 -3.58
CA SER B 70 -32.11 -35.32 -4.37
C SER B 70 -31.54 -35.08 -5.78
N THR B 71 -30.30 -34.61 -5.80
CA THR B 71 -29.56 -34.41 -7.04
C THR B 71 -28.22 -35.11 -6.91
N ILE B 72 -27.48 -35.11 -8.01
CA ILE B 72 -26.17 -35.72 -8.08
C ILE B 72 -25.15 -34.65 -8.42
N ARG B 73 -23.98 -34.76 -7.82
CA ARG B 73 -22.87 -33.85 -8.08
C ARG B 73 -21.64 -34.70 -8.27
N VAL B 74 -20.79 -34.34 -9.23
CA VAL B 74 -19.49 -34.98 -9.41
C VAL B 74 -18.41 -33.97 -9.06
N VAL B 75 -17.49 -34.39 -8.18
CA VAL B 75 -16.44 -33.52 -7.67
C VAL B 75 -15.11 -34.14 -8.07
N SER B 76 -14.29 -33.37 -8.79
CA SER B 76 -12.95 -33.78 -9.17
C SER B 76 -11.94 -32.84 -8.52
N THR B 77 -11.02 -33.39 -7.75
CA THR B 77 -9.97 -32.59 -7.13
C THR B 77 -8.59 -32.97 -7.66
N LEU B 78 -7.95 -32.03 -8.29
CA LEU B 78 -6.62 -32.23 -8.80
C LEU B 78 -5.61 -31.80 -7.75
N PRO B 79 -4.77 -32.69 -7.25
CA PRO B 79 -3.65 -32.24 -6.41
C PRO B 79 -2.63 -31.50 -7.26
N ILE B 80 -2.13 -30.38 -6.73
CA ILE B 80 -1.23 -29.50 -7.47
C ILE B 80 0.01 -29.21 -6.65
N GLN B 81 1.05 -28.78 -7.35
CA GLN B 81 2.29 -28.34 -6.70
C GLN B 81 2.12 -26.91 -6.21
N HIS B 82 2.54 -26.68 -4.96
CA HIS B 82 2.43 -25.36 -4.34
C HIS B 82 3.00 -24.26 -5.25
N GLN B 83 4.21 -24.48 -5.78
CA GLN B 83 4.88 -23.45 -6.58
C GLN B 83 4.13 -23.17 -7.85
N ASP B 84 3.40 -24.17 -8.36
CA ASP B 84 2.62 -23.98 -9.57
C ASP B 84 1.45 -23.04 -9.31
N TRP B 85 0.81 -23.18 -8.16
CA TRP B 85 -0.21 -22.19 -7.77
C TRP B 85 0.41 -20.81 -7.64
N MET B 86 1.49 -20.70 -6.85
CA MET B 86 2.05 -19.40 -6.52
C MET B 86 2.60 -18.70 -7.75
N SER B 87 3.14 -19.46 -8.70
CA SER B 87 3.76 -18.86 -9.86
C SER B 87 2.79 -18.58 -11.00
N GLY B 88 1.49 -18.80 -10.79
CA GLY B 88 0.51 -18.33 -11.76
C GLY B 88 0.13 -19.27 -12.88
N LYS B 89 0.45 -20.57 -12.76
CA LYS B 89 0.04 -21.53 -13.77
C LYS B 89 -1.49 -21.68 -13.81
N GLU B 90 -2.00 -22.02 -15.00
CA GLU B 90 -3.43 -22.19 -15.22
C GLU B 90 -3.85 -23.64 -15.00
N PHE B 91 -4.90 -23.84 -14.23
CA PHE B 91 -5.50 -25.14 -14.04
C PHE B 91 -6.87 -25.13 -14.70
N LYS B 92 -7.16 -26.18 -15.47
CA LYS B 92 -8.34 -26.21 -16.32
C LYS B 92 -8.95 -27.59 -16.28
N CYS B 93 -10.26 -27.65 -16.10
CA CYS B 93 -10.97 -28.90 -16.17
C CYS B 93 -11.92 -28.83 -17.35
N LYS B 94 -12.07 -29.97 -18.03
CA LYS B 94 -12.97 -30.12 -19.16
C LYS B 94 -13.95 -31.23 -18.80
N VAL B 95 -15.23 -30.93 -18.89
CA VAL B 95 -16.27 -31.83 -18.45
C VAL B 95 -17.03 -32.31 -19.67
N ASN B 96 -17.09 -33.63 -19.85
CA ASN B 96 -17.90 -34.24 -20.90
C ASN B 96 -18.95 -35.17 -20.29
N ASN B 97 -20.13 -35.14 -20.90
CA ASN B 97 -21.35 -35.81 -20.49
C ASN B 97 -22.21 -35.89 -21.74
N LYS B 98 -23.28 -36.68 -21.68
CA LYS B 98 -24.19 -36.76 -22.84
C LYS B 98 -25.11 -35.54 -22.89
N ASP B 99 -25.67 -35.13 -21.75
CA ASP B 99 -26.55 -33.98 -21.68
C ASP B 99 -25.84 -32.68 -21.98
N LEU B 100 -24.54 -32.76 -22.35
CA LEU B 100 -23.77 -31.60 -22.76
C LEU B 100 -23.51 -31.68 -24.25
N PRO B 101 -23.92 -30.66 -25.03
CA PRO B 101 -23.58 -30.63 -26.47
C PRO B 101 -22.08 -30.78 -26.71
N SER B 102 -21.30 -29.81 -26.24
CA SER B 102 -19.85 -29.79 -26.32
C SER B 102 -19.24 -29.72 -24.93
N PRO B 103 -17.96 -30.09 -24.77
CA PRO B 103 -17.35 -30.08 -23.43
C PRO B 103 -17.34 -28.68 -22.83
N ILE B 104 -17.63 -28.62 -21.54
CA ILE B 104 -17.63 -27.36 -20.80
C ILE B 104 -16.30 -27.22 -20.08
N GLU B 105 -15.70 -26.04 -20.17
CA GLU B 105 -14.33 -25.79 -19.69
C GLU B 105 -14.33 -24.72 -18.61
N ARG B 106 -13.53 -24.97 -17.56
CA ARG B 106 -13.29 -23.99 -16.50
C ARG B 106 -11.79 -23.85 -16.27
N THR B 107 -11.34 -22.62 -16.10
CA THR B 107 -9.93 -22.37 -15.83
C THR B 107 -9.82 -21.49 -14.60
N ILE B 108 -8.77 -21.71 -13.82
CA ILE B 108 -8.47 -20.90 -12.65
C ILE B 108 -6.95 -20.75 -12.53
N SER B 109 -6.52 -19.60 -12.03
CA SER B 109 -5.14 -19.41 -11.64
C SER B 109 -5.09 -18.38 -10.52
N LYS B 110 -3.94 -18.28 -9.86
CA LYS B 110 -3.76 -17.27 -8.82
C LYS B 110 -3.75 -15.87 -9.43
N ILE B 111 -4.54 -14.98 -8.84
CA ILE B 111 -4.58 -13.56 -9.19
C ILE B 111 -3.26 -12.90 -8.79
N LYS B 112 -2.47 -12.46 -9.77
CA LYS B 112 -1.29 -11.66 -9.44
C LYS B 112 -1.72 -10.27 -8.98
N GLY B 113 -1.35 -9.90 -7.75
CA GLY B 113 -1.75 -8.63 -7.22
C GLY B 113 -0.83 -8.12 -6.14
N LEU B 114 -1.32 -7.10 -5.43
CA LEU B 114 -0.60 -6.50 -4.33
C LEU B 114 -0.38 -7.49 -3.19
N VAL B 115 0.85 -7.59 -2.69
CA VAL B 115 1.16 -8.45 -1.55
C VAL B 115 1.60 -7.58 -0.38
N ARG B 116 0.95 -7.76 0.77
CA ARG B 116 1.23 -6.95 1.95
C ARG B 116 1.10 -7.83 3.17
N ALA B 117 2.16 -7.90 3.99
CA ALA B 117 2.16 -8.79 5.15
C ALA B 117 1.29 -8.21 6.26
N PRO B 118 0.53 -9.04 6.97
CA PRO B 118 -0.24 -8.54 8.12
C PRO B 118 0.61 -8.21 9.33
N GLN B 119 0.13 -7.26 10.13
CA GLN B 119 0.51 -7.19 11.53
C GLN B 119 -0.44 -8.09 12.33
N VAL B 120 0.10 -8.74 13.34
CA VAL B 120 -0.66 -9.68 14.15
C VAL B 120 -0.59 -9.24 15.61
N TYR B 121 -1.75 -9.08 16.25
CA TYR B 121 -1.84 -8.71 17.67
C TYR B 121 -2.76 -9.67 18.41
N ILE B 122 -2.44 -9.96 19.68
CA ILE B 122 -3.35 -10.71 20.54
C ILE B 122 -3.87 -9.78 21.63
N LEU B 123 -5.19 -9.75 21.80
CA LEU B 123 -5.79 -8.91 22.82
C LEU B 123 -6.17 -9.79 23.99
N PRO B 124 -5.85 -9.43 25.21
CA PRO B 124 -6.26 -10.25 26.35
C PRO B 124 -7.77 -10.17 26.50
N PRO B 125 -8.37 -10.98 27.38
CA PRO B 125 -9.81 -10.86 27.57
C PRO B 125 -10.17 -9.50 28.14
N PRO B 126 -11.35 -8.99 27.81
CA PRO B 126 -11.87 -7.83 28.53
C PRO B 126 -11.93 -8.07 30.05
N ALA B 127 -11.63 -7.01 30.81
CA ALA B 127 -11.59 -7.10 32.27
C ALA B 127 -12.88 -7.69 32.84
N GLU B 128 -14.03 -7.29 32.29
CA GLU B 128 -15.32 -7.80 32.74
C GLU B 128 -15.43 -9.32 32.69
N GLN B 129 -14.63 -9.99 31.86
CA GLN B 129 -14.77 -11.44 31.75
C GLN B 129 -13.93 -12.19 32.77
N LEU B 130 -13.00 -11.53 33.44
CA LEU B 130 -12.02 -12.25 34.24
C LEU B 130 -12.61 -12.88 35.49
N SER B 131 -13.85 -12.54 35.86
CA SER B 131 -14.53 -13.13 37.01
C SER B 131 -15.46 -14.27 36.61
N ARG B 132 -15.63 -14.50 35.31
CA ARG B 132 -16.49 -15.55 34.82
C ARG B 132 -15.68 -16.84 34.68
N LYS B 133 -16.37 -17.90 34.28
CA LYS B 133 -15.72 -19.18 34.07
C LYS B 133 -14.93 -19.22 32.77
N ASP B 134 -15.32 -18.41 31.77
CA ASP B 134 -14.70 -18.43 30.45
C ASP B 134 -14.26 -17.04 30.02
N VAL B 135 -13.12 -16.98 29.33
CA VAL B 135 -12.63 -15.74 28.75
C VAL B 135 -12.43 -15.91 27.24
N SER B 136 -12.42 -14.78 26.55
CA SER B 136 -12.20 -14.73 25.12
C SER B 136 -10.86 -14.08 24.83
N LEU B 137 -9.98 -14.81 24.14
CA LEU B 137 -8.78 -14.21 23.55
C LEU B 137 -9.09 -13.76 22.12
N THR B 138 -8.59 -12.58 21.75
CA THR B 138 -8.87 -12.01 20.43
C THR B 138 -7.58 -11.88 19.67
N CYS B 139 -7.50 -12.52 18.50
CA CYS B 139 -6.40 -12.29 17.57
C CYS B 139 -6.84 -11.30 16.49
N LEU B 140 -6.16 -10.16 16.44
CA LEU B 140 -6.43 -9.13 15.44
C LEU B 140 -5.29 -9.15 14.43
N VAL B 141 -5.62 -9.52 13.20
CA VAL B 141 -4.65 -9.60 12.10
C VAL B 141 -5.02 -8.51 11.12
N VAL B 142 -4.10 -7.56 10.88
CA VAL B 142 -4.46 -6.32 10.22
C VAL B 142 -3.51 -5.94 9.07
N GLY B 143 -4.07 -5.31 8.05
CA GLY B 143 -3.31 -4.77 6.93
C GLY B 143 -2.73 -5.74 5.92
N PHE B 144 -3.46 -6.79 5.53
CA PHE B 144 -2.86 -7.74 4.62
C PHE B 144 -3.52 -7.68 3.24
N ASN B 145 -2.77 -8.14 2.23
CA ASN B 145 -3.20 -8.25 0.82
C ASN B 145 -2.42 -9.42 0.26
N PRO B 146 -3.06 -10.34 -0.47
CA PRO B 146 -4.51 -10.38 -0.70
C PRO B 146 -5.27 -10.89 0.55
N GLY B 147 -6.59 -10.99 0.46
CA GLY B 147 -7.45 -11.41 1.54
C GLY B 147 -7.43 -12.87 1.93
N ASP B 148 -6.53 -13.69 1.42
CA ASP B 148 -6.51 -15.10 1.79
C ASP B 148 -5.54 -15.31 2.94
N ILE B 149 -6.02 -15.93 4.00
CA ILE B 149 -5.22 -16.04 5.21
C ILE B 149 -5.71 -17.22 6.02
N SER B 150 -4.78 -17.91 6.66
CA SER B 150 -5.09 -18.91 7.67
C SER B 150 -4.67 -18.39 9.04
N VAL B 151 -5.58 -18.48 10.01
CA VAL B 151 -5.40 -18.02 11.38
C VAL B 151 -5.84 -19.14 12.31
N GLU B 152 -4.91 -19.67 13.12
CA GLU B 152 -5.20 -20.77 14.05
C GLU B 152 -4.58 -20.49 15.42
N TRP B 153 -4.94 -21.32 16.39
CA TRP B 153 -4.55 -21.09 17.77
C TRP B 153 -3.89 -22.32 18.38
N THR B 154 -2.92 -22.06 19.25
CA THR B 154 -2.32 -23.10 20.08
C THR B 154 -2.13 -22.55 21.50
N SER B 155 -1.91 -23.47 22.45
CA SER B 155 -1.60 -23.14 23.83
C SER B 155 -0.38 -23.97 24.20
N ASN B 156 0.72 -23.26 24.46
CA ASN B 156 2.05 -23.80 24.24
C ASN B 156 2.15 -24.30 22.78
N GLY B 157 2.07 -25.62 22.57
CA GLY B 157 2.07 -26.17 21.23
C GLY B 157 0.76 -26.82 20.79
N HIS B 158 -0.05 -27.21 21.78
CA HIS B 158 -1.31 -27.93 21.54
C HIS B 158 -2.31 -27.13 20.71
N THR B 159 -2.90 -27.79 19.70
CA THR B 159 -3.95 -27.16 18.89
C THR B 159 -5.17 -26.82 19.73
N GLU B 160 -5.63 -25.57 19.63
CA GLU B 160 -6.88 -25.13 20.24
C GLU B 160 -7.95 -25.06 19.17
N GLU B 161 -9.11 -25.68 19.42
CA GLU B 161 -10.15 -25.73 18.39
C GLU B 161 -11.34 -24.82 18.65
N ASN B 162 -11.46 -24.26 19.85
CA ASN B 162 -12.70 -23.58 20.22
C ASN B 162 -12.64 -22.08 19.90
N TYR B 163 -12.46 -21.80 18.60
CA TYR B 163 -12.38 -20.43 18.09
C TYR B 163 -13.27 -20.27 16.86
N LYS B 164 -13.73 -19.05 16.65
CA LYS B 164 -14.34 -18.60 15.40
C LYS B 164 -13.65 -17.33 14.92
N ASP B 165 -13.61 -17.14 13.62
CA ASP B 165 -13.11 -15.90 13.08
C ASP B 165 -14.16 -15.27 12.19
N THR B 166 -13.86 -14.06 11.72
CA THR B 166 -14.75 -13.30 10.87
C THR B 166 -14.31 -13.48 9.41
N ALA B 167 -15.12 -12.98 8.50
CA ALA B 167 -14.58 -12.89 7.15
C ALA B 167 -13.39 -11.92 7.19
N PRO B 168 -12.37 -12.11 6.33
CA PRO B 168 -11.50 -10.98 6.01
C PRO B 168 -12.37 -9.81 5.62
N VAL B 169 -12.08 -8.64 6.17
CA VAL B 169 -12.87 -7.44 5.91
C VAL B 169 -11.96 -6.41 5.26
N LEU B 170 -12.40 -5.87 4.12
CA LEU B 170 -11.64 -4.86 3.40
C LEU B 170 -11.74 -3.53 4.13
N ASP B 171 -10.60 -2.97 4.51
CA ASP B 171 -10.50 -1.69 5.19
C ASP B 171 -10.48 -0.56 4.17
N SER B 172 -10.60 0.67 4.67
CA SER B 172 -10.66 1.84 3.80
C SER B 172 -9.32 2.10 3.10
N ASP B 173 -8.22 1.65 3.69
CA ASP B 173 -6.91 1.79 3.08
C ASP B 173 -6.63 0.73 2.01
N GLY B 174 -7.63 -0.08 1.63
CA GLY B 174 -7.41 -1.12 0.65
C GLY B 174 -6.75 -2.38 1.16
N SER B 175 -6.61 -2.55 2.47
CA SER B 175 -6.06 -3.79 2.97
C SER B 175 -7.15 -4.52 3.75
N TYR B 176 -6.87 -5.75 4.14
CA TYR B 176 -7.86 -6.53 4.88
C TYR B 176 -7.48 -6.62 6.34
N PHE B 177 -8.49 -6.87 7.19
CA PHE B 177 -8.25 -7.32 8.56
C PHE B 177 -9.21 -8.46 8.90
N ILE B 178 -8.85 -9.21 9.94
CA ILE B 178 -9.69 -10.30 10.42
C ILE B 178 -9.57 -10.36 11.93
N TYR B 179 -10.65 -10.73 12.60
CA TYR B 179 -10.60 -11.03 14.02
C TYR B 179 -10.84 -12.52 14.21
N SER B 180 -10.09 -13.12 15.14
CA SER B 180 -10.31 -14.50 15.57
C SER B 180 -10.53 -14.50 17.08
N LYS B 181 -11.60 -15.16 17.52
CA LYS B 181 -12.03 -15.18 18.93
C LYS B 181 -11.84 -16.60 19.47
N LEU B 182 -10.90 -16.78 20.40
CA LEU B 182 -10.69 -18.07 21.05
C LEU B 182 -11.31 -18.05 22.44
N ASN B 183 -12.31 -18.91 22.68
CA ASN B 183 -12.89 -19.03 24.02
C ASN B 183 -12.22 -20.19 24.77
N MET B 184 -11.68 -19.90 25.95
CA MET B 184 -11.12 -20.93 26.81
C MET B 184 -11.53 -20.67 28.26
N LYS B 185 -11.23 -21.64 29.14
CA LYS B 185 -11.60 -21.51 30.54
C LYS B 185 -10.71 -20.49 31.23
N THR B 186 -11.31 -19.69 32.11
CA THR B 186 -10.54 -18.74 32.89
C THR B 186 -9.45 -19.45 33.69
N SER B 187 -9.74 -20.66 34.18
CA SER B 187 -8.72 -21.44 34.86
C SER B 187 -7.57 -21.75 33.90
N LYS B 188 -7.89 -22.19 32.68
CA LYS B 188 -6.85 -22.42 31.68
C LYS B 188 -6.06 -21.14 31.38
N TRP B 189 -6.75 -20.01 31.21
CA TRP B 189 -6.06 -18.74 31.02
C TRP B 189 -5.10 -18.47 32.16
N GLU B 190 -5.49 -18.82 33.39
CA GLU B 190 -4.67 -18.52 34.56
C GLU B 190 -3.47 -19.45 34.66
N LYS B 191 -3.69 -20.76 34.46
CA LYS B 191 -2.64 -21.75 34.65
C LYS B 191 -1.70 -21.86 33.44
N THR B 192 -2.23 -22.00 32.22
CA THR B 192 -1.41 -22.27 31.04
C THR B 192 -0.45 -21.11 30.78
N ASP B 193 0.78 -21.45 30.38
CA ASP B 193 1.84 -20.45 30.23
C ASP B 193 1.55 -19.46 29.10
N SER B 194 1.17 -19.98 27.94
CA SER B 194 1.16 -19.14 26.75
C SER B 194 0.05 -19.59 25.81
N PHE B 195 -0.52 -18.62 25.11
CA PHE B 195 -1.43 -18.87 24.01
C PHE B 195 -0.90 -18.19 22.77
N SER B 196 -1.05 -18.86 21.63
CA SER B 196 -0.42 -18.44 20.40
C SER B 196 -1.44 -18.32 19.27
N CYS B 197 -1.40 -17.19 18.60
CA CYS B 197 -2.13 -16.94 17.37
C CYS B 197 -1.14 -17.14 16.22
N ASN B 198 -1.39 -18.15 15.37
CA ASN B 198 -0.47 -18.57 14.32
C ASN B 198 -1.08 -18.25 12.96
N VAL B 199 -0.37 -17.45 12.18
CA VAL B 199 -0.92 -16.83 10.99
C VAL B 199 -0.11 -17.26 9.78
N ARG B 200 -0.80 -17.74 8.76
CA ARG B 200 -0.16 -18.11 7.50
C ARG B 200 -0.67 -17.18 6.41
N HIS B 201 0.25 -16.51 5.73
CA HIS B 201 -0.08 -15.52 4.72
C HIS B 201 1.13 -15.42 3.80
N GLU B 202 0.88 -15.23 2.51
CA GLU B 202 1.98 -15.23 1.56
C GLU B 202 2.92 -14.04 1.73
N GLY B 203 2.48 -12.94 2.36
CA GLY B 203 3.41 -11.83 2.51
C GLY B 203 4.38 -11.98 3.68
N LEU B 204 4.16 -12.97 4.53
CA LEU B 204 5.02 -13.22 5.67
C LEU B 204 6.25 -14.02 5.25
N LYS B 205 7.38 -13.71 5.86
CA LYS B 205 8.57 -14.52 5.66
C LYS B 205 8.26 -15.95 6.08
N ASN B 206 8.61 -16.89 5.20
CA ASN B 206 8.26 -18.30 5.34
C ASN B 206 6.76 -18.53 5.47
N TYR B 207 5.94 -17.55 5.10
CA TYR B 207 4.48 -17.69 5.10
C TYR B 207 3.93 -17.94 6.49
N TYR B 208 4.64 -17.52 7.54
CA TYR B 208 4.26 -17.95 8.87
C TYR B 208 4.69 -16.93 9.92
N LEU B 209 3.82 -16.68 10.89
CA LEU B 209 4.10 -15.76 11.98
C LEU B 209 3.28 -16.15 13.19
N LYS B 210 3.96 -16.27 14.33
CA LYS B 210 3.36 -16.64 15.61
C LYS B 210 3.40 -15.44 16.54
N LYS B 211 2.26 -15.10 17.12
CA LYS B 211 2.22 -14.17 18.25
C LYS B 211 1.74 -14.92 19.48
N THR B 212 2.36 -14.62 20.63
CA THR B 212 2.07 -15.33 21.85
C THR B 212 1.73 -14.33 22.96
N ILE B 213 0.79 -14.72 23.82
CA ILE B 213 0.36 -13.90 24.94
C ILE B 213 0.33 -14.77 26.20
N SER B 214 0.56 -14.13 27.35
CA SER B 214 0.33 -14.78 28.65
C SER B 214 -0.37 -13.82 29.59
N ARG B 215 -1.18 -14.39 30.47
CA ARG B 215 -1.72 -13.64 31.61
C ARG B 215 -0.60 -13.09 32.47
N SER B 216 -0.78 -11.86 32.95
CA SER B 216 0.14 -11.33 33.95
C SER B 216 -0.55 -11.08 35.29
N GLY C 9 27.70 14.89 -27.52
CA GLY C 9 28.34 16.04 -26.92
C GLY C 9 27.48 16.80 -25.92
N PRO C 10 27.84 18.06 -25.66
CA PRO C 10 27.06 18.87 -24.70
C PRO C 10 25.85 19.51 -25.37
N SER C 11 24.71 19.43 -24.68
CA SER C 11 23.49 20.14 -25.08
C SER C 11 23.26 21.33 -24.16
N VAL C 12 22.49 22.30 -24.66
CA VAL C 12 22.28 23.55 -23.95
C VAL C 12 20.80 23.88 -23.94
N PHE C 13 20.30 24.33 -22.79
CA PHE C 13 18.91 24.68 -22.59
C PHE C 13 18.85 26.05 -21.93
N ILE C 14 17.87 26.86 -22.32
CA ILE C 14 17.70 28.18 -21.74
C ILE C 14 16.32 28.23 -21.10
N PHE C 15 16.23 28.92 -19.97
CA PHE C 15 15.05 28.91 -19.14
C PHE C 15 14.64 30.33 -18.77
N PRO C 16 13.35 30.61 -18.78
CA PRO C 16 12.87 31.94 -18.44
C PRO C 16 12.92 32.18 -16.94
N PRO C 17 12.62 33.39 -16.47
CA PRO C 17 12.45 33.59 -15.04
C PRO C 17 11.17 32.90 -14.55
N ASN C 18 11.16 32.55 -13.26
CA ASN C 18 9.93 32.11 -12.63
C ASN C 18 8.93 33.26 -12.60
N ILE C 19 7.67 32.94 -12.86
CA ILE C 19 6.65 34.00 -12.96
C ILE C 19 6.57 34.79 -11.66
N LYS C 20 6.81 34.15 -10.51
CA LYS C 20 6.71 34.87 -9.25
C LYS C 20 7.79 35.93 -9.11
N ASP C 21 9.04 35.59 -9.44
CA ASP C 21 10.09 36.60 -9.52
C ASP C 21 9.71 37.73 -10.48
N VAL C 22 9.17 37.38 -11.66
CA VAL C 22 8.79 38.39 -12.64
C VAL C 22 7.77 39.36 -12.05
N LEU C 23 6.81 38.84 -11.28
CA LEU C 23 5.67 39.63 -10.84
C LEU C 23 5.87 40.33 -9.50
N MET C 24 7.05 40.27 -8.91
CA MET C 24 7.33 40.88 -7.61
C MET C 24 8.61 41.69 -7.71
N ILE C 25 8.49 43.01 -7.62
CA ILE C 25 9.64 43.88 -7.81
C ILE C 25 10.74 43.62 -6.78
N SER C 26 10.42 42.95 -5.67
CA SER C 26 11.36 42.69 -4.60
C SER C 26 12.25 41.48 -4.84
N LEU C 27 11.89 40.59 -5.76
CA LEU C 27 12.68 39.41 -6.06
C LEU C 27 13.50 39.63 -7.31
N THR C 28 14.47 38.76 -7.51
CA THR C 28 15.44 38.91 -8.59
C THR C 28 15.14 37.88 -9.67
N PRO C 29 14.43 38.23 -10.73
CA PRO C 29 14.18 37.27 -11.81
C PRO C 29 15.47 36.91 -12.50
N LYS C 30 15.59 35.66 -12.91
CA LYS C 30 16.78 35.26 -13.63
C LYS C 30 16.43 34.48 -14.89
N VAL C 31 17.27 34.64 -15.88
CA VAL C 31 17.27 33.78 -17.06
C VAL C 31 18.42 32.82 -16.91
N THR C 32 18.20 31.56 -17.28
CA THR C 32 19.18 30.53 -16.94
C THR C 32 19.58 29.74 -18.16
N CYS C 33 20.88 29.54 -18.28
CA CYS C 33 21.48 28.77 -19.36
C CYS C 33 22.19 27.58 -18.72
N VAL C 34 21.78 26.37 -19.11
CA VAL C 34 22.26 25.14 -18.48
C VAL C 34 22.94 24.29 -19.55
N VAL C 35 24.22 23.99 -19.35
CA VAL C 35 24.97 23.10 -20.24
C VAL C 35 24.96 21.69 -19.65
N VAL C 36 24.37 20.74 -20.38
CA VAL C 36 24.12 19.38 -19.91
C VAL C 36 25.12 18.45 -20.56
N ASP C 37 25.69 17.53 -19.76
CA ASP C 37 26.55 16.45 -20.25
C ASP C 37 27.89 16.98 -20.75
N VAL C 38 28.54 17.81 -19.91
CA VAL C 38 29.89 18.33 -20.16
C VAL C 38 30.89 17.20 -19.95
N SER C 39 31.99 17.24 -20.71
CA SER C 39 32.99 16.18 -20.68
C SER C 39 33.94 16.34 -19.49
N GLU C 40 34.28 15.20 -18.87
CA GLU C 40 35.21 15.22 -17.73
C GLU C 40 36.59 15.72 -18.14
N ASP C 41 37.00 15.44 -19.38
CA ASP C 41 38.33 15.83 -19.86
C ASP C 41 38.46 17.35 -19.93
N ASP C 42 37.38 18.03 -20.28
CA ASP C 42 37.38 19.49 -20.44
C ASP C 42 36.12 20.03 -19.78
N PRO C 43 36.16 20.23 -18.45
CA PRO C 43 35.02 20.87 -17.77
C PRO C 43 34.92 22.36 -18.03
N ASP C 44 35.81 22.92 -18.84
CA ASP C 44 35.93 24.37 -18.99
C ASP C 44 35.00 24.86 -20.09
N VAL C 45 33.93 25.52 -19.66
CA VAL C 45 32.88 26.03 -20.52
C VAL C 45 32.83 27.54 -20.32
N GLN C 46 32.81 28.29 -21.42
CA GLN C 46 32.79 29.75 -21.40
C GLN C 46 31.42 30.25 -21.84
N ILE C 47 30.76 31.03 -20.99
CA ILE C 47 29.37 31.43 -21.17
C ILE C 47 29.31 32.95 -21.14
N SER C 48 28.96 33.56 -22.27
CA SER C 48 28.73 34.99 -22.34
C SER C 48 27.24 35.24 -22.53
N TRP C 49 26.81 36.44 -22.12
CA TRP C 49 25.41 36.81 -22.04
C TRP C 49 25.15 38.14 -22.73
N PHE C 50 24.01 38.23 -23.40
CA PHE C 50 23.60 39.43 -24.11
C PHE C 50 22.14 39.70 -23.80
N VAL C 51 21.83 40.96 -23.49
CA VAL C 51 20.45 41.43 -23.35
C VAL C 51 20.23 42.46 -24.45
N ASN C 52 19.23 42.23 -25.31
CA ASN C 52 18.97 43.16 -26.39
C ASN C 52 20.23 43.38 -27.22
N ASN C 53 21.01 42.31 -27.35
CA ASN C 53 22.26 42.26 -28.11
C ASN C 53 23.41 43.06 -27.51
N VAL C 54 23.38 43.48 -26.25
CA VAL C 54 24.55 44.09 -25.63
C VAL C 54 25.07 43.17 -24.54
N GLU C 55 26.39 42.94 -24.56
CA GLU C 55 27.00 41.99 -23.63
C GLU C 55 26.80 42.48 -22.20
N VAL C 56 26.38 41.57 -21.32
CA VAL C 56 26.33 41.84 -19.89
C VAL C 56 27.24 40.85 -19.18
N HIS C 57 27.61 41.19 -17.94
CA HIS C 57 28.63 40.44 -17.23
C HIS C 57 28.24 40.06 -15.82
N THR C 58 26.98 40.20 -15.45
CA THR C 58 26.55 39.99 -14.09
C THR C 58 26.14 38.55 -13.79
N ALA C 59 26.42 37.60 -14.68
CA ALA C 59 25.87 36.25 -14.51
C ALA C 59 26.75 35.39 -13.61
N GLN C 60 26.10 34.67 -12.69
CA GLN C 60 26.75 33.72 -11.80
C GLN C 60 26.76 32.34 -12.46
N THR C 61 27.96 31.83 -12.74
CA THR C 61 28.15 30.56 -13.43
C THR C 61 28.85 29.57 -12.50
N GLN C 62 28.28 28.38 -12.37
CA GLN C 62 28.82 27.35 -11.47
C GLN C 62 28.83 26.00 -12.16
N THR C 63 29.90 25.24 -11.97
CA THR C 63 29.97 23.87 -12.47
C THR C 63 29.48 22.90 -11.40
N HIS C 64 28.74 21.89 -11.83
CA HIS C 64 28.04 20.96 -10.94
C HIS C 64 28.36 19.54 -11.35
N ARG C 65 28.81 18.72 -10.39
CA ARG C 65 28.93 17.29 -10.61
C ARG C 65 27.57 16.67 -10.28
N GLU C 66 26.97 16.02 -11.28
CA GLU C 66 25.63 15.45 -11.15
C GLU C 66 25.78 13.97 -10.82
N ASP C 67 25.72 13.65 -9.52
CA ASP C 67 25.95 12.26 -9.10
C ASP C 67 24.78 11.35 -9.44
N TYR C 68 23.62 11.91 -9.81
CA TYR C 68 22.51 11.09 -10.28
C TYR C 68 22.94 10.15 -11.40
N ASN C 69 23.79 10.64 -12.33
CA ASN C 69 24.26 9.73 -13.37
C ASN C 69 25.74 9.90 -13.67
N SER C 70 26.50 10.54 -12.78
CA SER C 70 27.94 10.79 -12.97
C SER C 70 28.20 11.57 -14.25
N THR C 71 27.54 12.72 -14.37
CA THR C 71 27.77 13.68 -15.44
C THR C 71 28.12 15.04 -14.83
N ILE C 72 28.45 15.99 -15.68
CA ILE C 72 28.77 17.37 -15.29
C ILE C 72 27.78 18.33 -15.95
N ARG C 73 27.39 19.36 -15.20
CA ARG C 73 26.44 20.36 -15.64
C ARG C 73 26.98 21.73 -15.29
N VAL C 74 26.84 22.69 -16.19
CA VAL C 74 27.20 24.07 -15.92
C VAL C 74 25.92 24.90 -15.93
N VAL C 75 25.69 25.63 -14.85
CA VAL C 75 24.50 26.46 -14.67
C VAL C 75 24.94 27.91 -14.62
N SER C 76 24.61 28.67 -15.66
CA SER C 76 24.80 30.12 -15.65
C SER C 76 23.44 30.79 -15.54
N THR C 77 23.29 31.63 -14.52
CA THR C 77 22.03 32.31 -14.24
C THR C 77 22.24 33.81 -14.29
N LEU C 78 21.54 34.47 -15.20
CA LEU C 78 21.69 35.90 -15.38
C LEU C 78 20.59 36.62 -14.62
N PRO C 79 20.92 37.46 -13.64
CA PRO C 79 19.88 38.31 -13.05
C PRO C 79 19.48 39.38 -14.03
N ILE C 80 18.18 39.63 -14.13
CA ILE C 80 17.68 40.53 -15.14
C ILE C 80 16.77 41.55 -14.47
N GLN C 81 16.58 42.65 -15.18
CA GLN C 81 15.60 43.66 -14.82
C GLN C 81 14.20 43.21 -15.21
N HIS C 82 13.25 43.41 -14.29
CA HIS C 82 11.84 43.15 -14.59
C HIS C 82 11.43 43.82 -15.90
N GLN C 83 11.83 45.08 -16.09
CA GLN C 83 11.37 45.80 -17.26
C GLN C 83 11.99 45.25 -18.54
N ASP C 84 13.22 44.75 -18.47
CA ASP C 84 13.79 44.14 -19.67
C ASP C 84 13.06 42.87 -20.06
N TRP C 85 12.61 42.09 -19.07
CA TRP C 85 11.88 40.88 -19.39
C TRP C 85 10.52 41.20 -20.01
N MET C 86 9.78 42.15 -19.43
CA MET C 86 8.46 42.51 -19.91
C MET C 86 8.52 43.11 -21.30
N SER C 87 9.63 43.78 -21.63
CA SER C 87 9.68 44.58 -22.84
C SER C 87 9.63 43.72 -24.10
N GLY C 88 10.07 42.48 -24.03
CA GLY C 88 10.23 41.66 -25.21
C GLY C 88 11.65 41.53 -25.71
N LYS C 89 12.63 42.12 -25.03
CA LYS C 89 14.01 42.03 -25.46
C LYS C 89 14.49 40.59 -25.34
N GLU C 90 15.50 40.27 -26.14
CA GLU C 90 16.06 38.93 -26.17
C GLU C 90 17.16 38.79 -25.14
N PHE C 91 17.15 37.66 -24.45
CA PHE C 91 18.21 37.27 -23.54
C PHE C 91 18.93 36.09 -24.17
N LYS C 92 20.25 36.22 -24.33
CA LYS C 92 21.00 35.28 -25.16
C LYS C 92 22.25 34.86 -24.41
N CYS C 93 22.50 33.56 -24.37
CA CYS C 93 23.74 33.03 -23.84
C CYS C 93 24.51 32.38 -24.97
N LYS C 94 25.82 32.56 -24.96
CA LYS C 94 26.73 31.95 -25.90
C LYS C 94 27.67 31.06 -25.11
N VAL C 95 27.77 29.80 -25.52
CA VAL C 95 28.56 28.80 -24.82
C VAL C 95 29.71 28.36 -25.71
N ASN C 96 30.94 28.42 -25.18
CA ASN C 96 32.14 28.03 -25.91
C ASN C 96 32.83 26.84 -25.26
N ASN C 97 33.45 26.00 -26.11
CA ASN C 97 34.12 24.76 -25.68
C ASN C 97 35.57 25.02 -25.23
N SER C 102 32.55 26.30 -32.94
CA SER C 102 32.09 27.67 -32.75
C SER C 102 30.80 27.66 -31.87
N PRO C 103 30.43 28.81 -31.29
CA PRO C 103 29.63 28.77 -30.06
C PRO C 103 28.20 28.28 -30.26
N ILE C 104 27.68 27.64 -29.22
CA ILE C 104 26.26 27.32 -29.13
C ILE C 104 25.54 28.51 -28.51
N GLU C 105 24.54 29.03 -29.21
CA GLU C 105 23.75 30.13 -28.69
C GLU C 105 22.35 29.65 -28.38
N ARG C 106 21.80 30.16 -27.29
CA ARG C 106 20.40 29.99 -26.96
C ARG C 106 19.81 31.36 -26.65
N THR C 107 18.53 31.53 -27.01
CA THR C 107 17.88 32.83 -26.91
C THR C 107 16.47 32.65 -26.37
N ILE C 108 16.01 33.65 -25.61
CA ILE C 108 14.67 33.59 -25.04
C ILE C 108 14.17 35.01 -24.81
N SER C 109 12.86 35.19 -24.88
CA SER C 109 12.23 36.49 -24.72
C SER C 109 10.77 36.26 -24.35
N LYS C 110 10.15 37.28 -23.72
CA LYS C 110 8.74 37.14 -23.38
C LYS C 110 7.86 37.23 -24.64
N ILE C 111 6.96 36.28 -24.81
CA ILE C 111 5.96 36.32 -25.87
C ILE C 111 4.71 36.97 -25.29
N LYS C 112 4.30 38.10 -25.85
CA LYS C 112 3.10 38.73 -25.34
C LYS C 112 1.86 38.02 -25.92
N GLY C 113 0.69 38.46 -25.49
CA GLY C 113 -0.51 37.79 -25.94
C GLY C 113 -1.70 38.31 -25.17
N LEU C 114 -2.81 37.59 -25.31
CA LEU C 114 -4.00 37.89 -24.54
C LEU C 114 -3.69 37.79 -23.04
N VAL C 115 -4.01 38.85 -22.30
CA VAL C 115 -3.88 38.89 -20.85
C VAL C 115 -5.27 39.03 -20.30
N ARG C 116 -5.67 38.08 -19.47
CA ARG C 116 -6.97 38.07 -18.82
C ARG C 116 -6.79 37.81 -17.34
N ALA C 117 -7.33 38.69 -16.51
CA ALA C 117 -7.16 38.53 -15.05
C ALA C 117 -8.04 37.36 -14.56
N PRO C 118 -7.52 36.49 -13.71
CA PRO C 118 -8.37 35.44 -13.15
C PRO C 118 -9.35 36.00 -12.15
N GLN C 119 -10.49 35.33 -12.02
CA GLN C 119 -11.28 35.43 -10.80
C GLN C 119 -10.73 34.47 -9.75
N VAL C 120 -10.83 34.83 -8.47
CA VAL C 120 -10.32 33.99 -7.39
C VAL C 120 -11.42 33.70 -6.38
N TYR C 121 -11.60 32.42 -6.06
CA TYR C 121 -12.62 31.97 -5.13
C TYR C 121 -12.02 30.94 -4.17
N ILE C 122 -12.28 31.10 -2.86
CA ILE C 122 -12.02 30.03 -1.90
C ILE C 122 -13.34 29.36 -1.57
N LEU C 123 -13.40 28.06 -1.79
CA LEU C 123 -14.55 27.21 -1.45
C LEU C 123 -14.29 26.53 -0.10
N PRO C 124 -15.26 26.54 0.81
CA PRO C 124 -15.07 25.86 2.10
C PRO C 124 -15.10 24.35 1.92
N PRO C 125 -14.80 23.57 2.96
CA PRO C 125 -14.85 22.12 2.81
C PRO C 125 -16.25 21.67 2.47
N PRO C 126 -16.39 20.61 1.69
CA PRO C 126 -17.73 20.05 1.48
C PRO C 126 -18.32 19.60 2.80
N ALA C 127 -19.65 19.76 2.91
CA ALA C 127 -20.37 19.40 4.13
C ALA C 127 -20.10 17.95 4.53
N GLU C 128 -20.24 17.03 3.58
CA GLU C 128 -20.03 15.61 3.85
C GLU C 128 -18.60 15.28 4.27
N GLN C 129 -17.65 16.22 4.15
CA GLN C 129 -16.29 15.96 4.60
C GLN C 129 -16.05 16.33 6.06
N LEU C 130 -16.94 17.12 6.66
CA LEU C 130 -16.66 17.73 7.96
C LEU C 130 -16.57 16.70 9.09
N SER C 131 -17.03 15.47 8.89
CA SER C 131 -16.93 14.45 9.94
C SER C 131 -15.60 13.71 9.89
N ARG C 132 -14.66 14.14 9.07
CA ARG C 132 -13.36 13.51 9.03
C ARG C 132 -12.38 14.31 9.88
N LYS C 133 -11.28 13.68 10.20
CA LYS C 133 -10.19 14.35 10.88
C LYS C 133 -9.46 15.36 10.00
N ASP C 134 -9.68 15.34 8.68
CA ASP C 134 -9.03 16.30 7.81
C ASP C 134 -10.03 16.82 6.78
N VAL C 135 -9.96 18.12 6.53
CA VAL C 135 -10.82 18.73 5.53
C VAL C 135 -9.96 19.41 4.47
N SER C 136 -10.61 19.75 3.35
CA SER C 136 -9.96 20.30 2.16
C SER C 136 -10.44 21.72 1.92
N LEU C 137 -9.50 22.66 1.81
CA LEU C 137 -9.84 24.00 1.37
C LEU C 137 -9.46 24.14 -0.11
N THR C 138 -10.34 24.74 -0.87
CA THR C 138 -10.20 24.78 -2.32
C THR C 138 -10.07 26.22 -2.78
N CYS C 139 -8.98 26.51 -3.48
CA CYS C 139 -8.85 27.78 -4.19
C CYS C 139 -9.08 27.53 -5.68
N LEU C 140 -10.17 28.11 -6.22
CA LEU C 140 -10.48 28.01 -7.63
C LEU C 140 -10.04 29.32 -8.30
N VAL C 141 -9.02 29.24 -9.14
CA VAL C 141 -8.53 30.39 -9.90
C VAL C 141 -8.89 30.15 -11.37
N VAL C 142 -9.76 31.00 -11.92
CA VAL C 142 -10.46 30.64 -13.15
C VAL C 142 -10.49 31.82 -14.12
N GLY C 143 -10.30 31.51 -15.40
CA GLY C 143 -10.45 32.49 -16.47
C GLY C 143 -9.27 33.39 -16.73
N PHE C 144 -8.05 32.86 -16.74
CA PHE C 144 -6.88 33.70 -16.86
C PHE C 144 -6.04 33.33 -18.08
N ASN C 145 -5.37 34.35 -18.63
CA ASN C 145 -4.40 34.24 -19.71
C ASN C 145 -3.30 35.25 -19.45
N PRO C 146 -2.03 34.86 -19.61
CA PRO C 146 -1.62 33.52 -20.05
C PRO C 146 -1.59 32.53 -18.86
N GLY C 147 -1.18 31.29 -19.12
CA GLY C 147 -1.21 30.22 -18.13
C GLY C 147 -0.15 30.28 -17.05
N ASP C 148 0.67 31.33 -17.01
CA ASP C 148 1.67 31.47 -15.95
C ASP C 148 1.02 32.14 -14.75
N ILE C 149 1.12 31.51 -13.58
CA ILE C 149 0.43 31.99 -12.39
C ILE C 149 1.10 31.38 -11.17
N SER C 150 1.05 32.10 -10.06
CA SER C 150 1.51 31.60 -8.77
C SER C 150 0.33 31.61 -7.80
N VAL C 151 0.02 30.46 -7.22
CA VAL C 151 -1.05 30.34 -6.22
C VAL C 151 -0.42 29.81 -4.93
N GLU C 152 -0.57 30.56 -3.85
CA GLU C 152 0.01 30.17 -2.57
C GLU C 152 -1.01 30.36 -1.45
N TRP C 153 -0.77 29.67 -0.34
CA TRP C 153 -1.68 29.63 0.80
C TRP C 153 -1.03 30.19 2.06
N THR C 154 -1.81 30.94 2.82
CA THR C 154 -1.43 31.43 4.13
C THR C 154 -2.58 31.19 5.10
N SER C 155 -2.25 31.04 6.37
CA SER C 155 -3.25 31.06 7.44
C SER C 155 -2.82 32.11 8.45
N ASN C 156 -3.73 33.06 8.72
CA ASN C 156 -3.38 34.35 9.30
C ASN C 156 -2.23 34.96 8.50
N GLY C 157 -1.04 35.04 9.10
CA GLY C 157 0.10 35.52 8.35
C GLY C 157 1.08 34.41 7.99
N HIS C 158 0.90 33.25 8.61
CA HIS C 158 1.83 32.13 8.48
C HIS C 158 1.69 31.48 7.12
N THR C 159 2.79 30.94 6.61
CA THR C 159 2.81 30.33 5.30
C THR C 159 2.46 28.84 5.39
N GLU C 160 1.46 28.42 4.60
CA GLU C 160 1.05 27.02 4.53
C GLU C 160 1.74 26.34 3.35
N GLU C 161 2.32 25.17 3.61
CA GLU C 161 3.03 24.44 2.57
C GLU C 161 2.37 23.13 2.15
N ASN C 162 1.40 22.62 2.92
CA ASN C 162 0.78 21.34 2.61
C ASN C 162 -0.42 21.56 1.68
N TYR C 163 -0.10 21.96 0.45
CA TYR C 163 -1.11 22.11 -0.58
C TYR C 163 -0.60 21.45 -1.85
N LYS C 164 -1.55 21.05 -2.68
CA LYS C 164 -1.29 20.48 -3.98
C LYS C 164 -2.15 21.24 -4.98
N ASP C 165 -1.63 21.46 -6.18
CA ASP C 165 -2.48 22.04 -7.18
C ASP C 165 -2.38 21.26 -8.47
N THR C 166 -3.37 21.52 -9.30
CA THR C 166 -3.43 20.98 -10.63
C THR C 166 -2.54 21.84 -11.54
N ALA C 167 -2.25 21.33 -12.72
CA ALA C 167 -1.66 22.21 -13.71
C ALA C 167 -2.70 23.26 -14.09
N PRO C 168 -2.29 24.41 -14.64
CA PRO C 168 -3.26 25.22 -15.39
C PRO C 168 -3.92 24.36 -16.46
N VAL C 169 -5.24 24.40 -16.49
CA VAL C 169 -6.02 23.57 -17.41
C VAL C 169 -6.72 24.47 -18.43
N LEU C 170 -6.61 24.13 -19.69
CA LEU C 170 -7.24 24.92 -20.74
C LEU C 170 -8.75 24.71 -20.74
N ASP C 171 -9.51 25.78 -20.59
CA ASP C 171 -10.96 25.73 -20.55
C ASP C 171 -11.55 25.87 -21.96
N SER C 172 -12.89 25.74 -22.03
CA SER C 172 -13.61 25.80 -23.31
C SER C 172 -13.26 27.05 -24.09
N ASP C 173 -13.04 28.16 -23.40
CA ASP C 173 -12.98 29.46 -24.05
C ASP C 173 -11.55 29.95 -24.25
N GLY C 174 -10.56 29.07 -24.14
CA GLY C 174 -9.17 29.48 -24.26
C GLY C 174 -8.53 30.02 -23.01
N SER C 175 -9.31 30.38 -21.98
CA SER C 175 -8.71 30.76 -20.71
C SER C 175 -8.26 29.52 -19.92
N TYR C 176 -7.46 29.76 -18.88
CA TYR C 176 -7.02 28.70 -17.99
C TYR C 176 -7.73 28.80 -16.64
N PHE C 177 -7.86 27.64 -15.99
CA PHE C 177 -8.25 27.57 -14.59
C PHE C 177 -7.32 26.62 -13.87
N ILE C 178 -7.28 26.77 -12.56
CA ILE C 178 -6.47 25.90 -11.70
C ILE C 178 -7.20 25.74 -10.37
N TYR C 179 -7.12 24.53 -9.82
CA TYR C 179 -7.60 24.26 -8.48
C TYR C 179 -6.38 24.07 -7.59
N SER C 180 -6.41 24.70 -6.40
CA SER C 180 -5.41 24.45 -5.38
C SER C 180 -6.10 23.94 -4.12
N LYS C 181 -5.64 22.80 -3.61
CA LYS C 181 -6.25 22.11 -2.47
C LYS C 181 -5.34 22.21 -1.26
N LEU C 182 -5.81 22.85 -0.19
CA LEU C 182 -5.11 22.90 1.09
C LEU C 182 -5.75 21.88 2.04
N ASN C 183 -5.01 20.83 2.39
CA ASN C 183 -5.48 19.83 3.34
C ASN C 183 -5.02 20.19 4.76
N MET C 184 -5.97 20.36 5.66
CA MET C 184 -5.65 20.72 7.04
C MET C 184 -6.48 19.88 8.01
N LYS C 185 -5.97 19.73 9.24
CA LYS C 185 -6.74 19.07 10.30
C LYS C 185 -8.06 19.79 10.51
N THR C 186 -9.13 19.00 10.62
CA THR C 186 -10.44 19.58 10.89
C THR C 186 -10.39 20.49 12.11
N SER C 187 -9.58 20.14 13.11
CA SER C 187 -9.49 20.97 14.31
C SER C 187 -8.85 22.32 13.99
N LYS C 188 -7.80 22.31 13.16
CA LYS C 188 -7.18 23.56 12.69
C LYS C 188 -8.18 24.41 11.91
N TRP C 189 -9.11 23.78 11.21
CA TRP C 189 -10.14 24.52 10.49
C TRP C 189 -11.03 25.28 11.47
N GLU C 190 -11.38 24.66 12.60
CA GLU C 190 -12.25 25.28 13.59
C GLU C 190 -11.52 26.31 14.46
N LYS C 191 -10.23 26.12 14.70
CA LYS C 191 -9.51 26.96 15.64
C LYS C 191 -8.79 28.13 14.96
N THR C 192 -8.15 27.92 13.81
CA THR C 192 -7.42 29.01 13.15
C THR C 192 -8.37 30.05 12.61
N ASP C 193 -7.99 31.31 12.73
CA ASP C 193 -8.92 32.40 12.48
C ASP C 193 -9.27 32.53 10.98
N SER C 194 -8.28 32.38 10.10
CA SER C 194 -8.55 32.66 8.69
C SER C 194 -7.52 31.98 7.79
N PHE C 195 -7.96 31.61 6.59
CA PHE C 195 -7.08 31.07 5.59
C PHE C 195 -7.15 31.91 4.32
N SER C 196 -6.03 31.98 3.63
CA SER C 196 -5.93 32.87 2.48
C SER C 196 -5.27 32.15 1.32
N CYS C 197 -5.84 32.37 0.15
CA CYS C 197 -5.29 31.98 -1.14
C CYS C 197 -4.64 33.21 -1.79
N ASN C 198 -3.33 33.14 -2.07
CA ASN C 198 -2.58 34.27 -2.62
C ASN C 198 -2.24 34.01 -4.07
N VAL C 199 -2.75 34.85 -4.97
CA VAL C 199 -2.64 34.64 -6.41
C VAL C 199 -1.85 35.78 -7.02
N ARG C 200 -0.80 35.44 -7.75
CA ARG C 200 0.00 36.40 -8.51
C ARG C 200 -0.08 36.07 -10.00
N HIS C 201 -0.51 37.06 -10.79
CA HIS C 201 -0.74 36.90 -12.21
C HIS C 201 -0.66 38.28 -12.84
N GLU C 202 -0.13 38.34 -14.06
CA GLU C 202 0.13 39.64 -14.65
C GLU C 202 -1.14 40.42 -14.99
N GLY C 203 -2.30 39.76 -15.07
CA GLY C 203 -3.53 40.49 -15.35
C GLY C 203 -4.16 41.17 -14.14
N LEU C 204 -3.78 40.80 -12.93
CA LEU C 204 -4.36 41.44 -11.76
C LEU C 204 -3.70 42.79 -11.51
N LYS C 205 -4.48 43.71 -10.94
CA LYS C 205 -3.90 44.95 -10.43
C LYS C 205 -2.82 44.62 -9.41
N ASN C 206 -1.66 45.26 -9.57
CA ASN C 206 -0.49 45.03 -8.71
C ASN C 206 0.02 43.60 -8.79
N TYR C 207 -0.40 42.85 -9.83
CA TYR C 207 0.01 41.46 -10.01
C TYR C 207 -0.38 40.57 -8.82
N TYR C 208 -1.42 40.95 -8.07
CA TYR C 208 -1.61 40.28 -6.79
C TYR C 208 -3.06 40.41 -6.37
N LEU C 209 -3.62 39.31 -5.88
CA LEU C 209 -4.96 39.29 -5.30
C LEU C 209 -4.98 38.22 -4.22
N LYS C 210 -5.50 38.57 -3.05
CA LYS C 210 -5.59 37.60 -1.97
C LYS C 210 -7.04 37.46 -1.53
N LYS C 211 -7.53 36.22 -1.50
CA LYS C 211 -8.87 35.94 -1.02
C LYS C 211 -8.74 35.20 0.30
N THR C 212 -9.75 35.37 1.14
CA THR C 212 -9.65 34.93 2.53
C THR C 212 -10.96 34.31 2.96
N ILE C 213 -10.87 33.23 3.73
CA ILE C 213 -12.02 32.49 4.19
C ILE C 213 -11.89 32.22 5.69
N SER C 214 -13.04 32.02 6.34
CA SER C 214 -13.12 31.64 7.75
C SER C 214 -14.29 30.69 7.96
N ARG C 215 -14.20 29.89 9.03
CA ARG C 215 -15.31 29.06 9.47
C ARG C 215 -16.34 29.91 10.24
N GLY D 9 13.09 7.10 -39.06
CA GLY D 9 12.28 5.89 -38.93
C GLY D 9 11.09 6.01 -37.99
N PRO D 10 10.08 5.17 -38.21
CA PRO D 10 8.85 5.27 -37.42
C PRO D 10 9.07 4.87 -35.96
N SER D 11 8.23 5.42 -35.09
CA SER D 11 8.22 5.02 -33.69
C SER D 11 6.80 4.61 -33.30
N VAL D 12 6.69 3.88 -32.20
CA VAL D 12 5.45 3.19 -31.81
C VAL D 12 5.15 3.41 -30.34
N PHE D 13 3.89 3.75 -30.03
CA PHE D 13 3.41 3.92 -28.67
C PHE D 13 2.15 3.10 -28.47
N ILE D 14 2.04 2.48 -27.30
CA ILE D 14 0.94 1.61 -26.95
C ILE D 14 0.22 2.27 -25.79
N PHE D 15 -1.11 2.19 -25.77
CA PHE D 15 -1.95 2.93 -24.84
C PHE D 15 -3.02 2.02 -24.25
N PRO D 16 -3.36 2.19 -22.98
CA PRO D 16 -4.39 1.33 -22.35
C PRO D 16 -5.78 1.71 -22.79
N PRO D 17 -6.77 0.86 -22.51
CA PRO D 17 -8.18 1.26 -22.67
C PRO D 17 -8.55 2.41 -21.74
N ASN D 18 -9.63 3.09 -22.11
CA ASN D 18 -10.26 4.05 -21.22
C ASN D 18 -10.94 3.29 -20.08
N ILE D 19 -10.73 3.77 -18.84
CA ILE D 19 -11.14 2.99 -17.68
C ILE D 19 -12.65 2.82 -17.65
N LYS D 20 -13.38 3.82 -18.13
CA LYS D 20 -14.84 3.71 -18.20
C LYS D 20 -15.25 2.54 -19.08
N ASP D 21 -14.58 2.37 -20.24
CA ASP D 21 -14.86 1.22 -21.10
C ASP D 21 -14.58 -0.10 -20.38
N VAL D 22 -13.55 -0.10 -19.54
CA VAL D 22 -13.14 -1.32 -18.85
C VAL D 22 -14.17 -1.72 -17.82
N LEU D 23 -14.73 -0.75 -17.10
CA LEU D 23 -15.63 -1.03 -16.00
C LEU D 23 -17.09 -1.18 -16.42
N MET D 24 -17.44 -0.86 -17.66
CA MET D 24 -18.82 -1.00 -18.14
C MET D 24 -18.88 -2.09 -19.21
N ILE D 25 -19.55 -3.20 -18.90
CA ILE D 25 -19.60 -4.33 -19.81
C ILE D 25 -20.35 -3.98 -21.09
N SER D 26 -21.17 -2.93 -21.08
CA SER D 26 -21.83 -2.48 -22.29
C SER D 26 -20.91 -1.70 -23.23
N LEU D 27 -19.69 -1.36 -22.81
CA LEU D 27 -18.76 -0.63 -23.67
C LEU D 27 -17.66 -1.57 -24.15
N THR D 28 -16.87 -1.07 -25.09
CA THR D 28 -15.85 -1.87 -25.76
C THR D 28 -14.47 -1.29 -25.46
N PRO D 29 -13.75 -1.82 -24.48
CA PRO D 29 -12.40 -1.31 -24.24
C PRO D 29 -11.46 -1.68 -25.38
N LYS D 30 -10.48 -0.80 -25.63
CA LYS D 30 -9.56 -0.99 -26.73
C LYS D 30 -8.15 -0.71 -26.25
N VAL D 31 -7.22 -1.58 -26.63
CA VAL D 31 -5.80 -1.29 -26.57
C VAL D 31 -5.38 -0.67 -27.91
N THR D 32 -4.58 0.41 -27.85
CA THR D 32 -4.29 1.19 -29.04
C THR D 32 -2.80 1.27 -29.29
N CYS D 33 -2.40 0.95 -30.51
CA CYS D 33 -1.02 1.03 -30.98
C CYS D 33 -0.92 2.13 -32.04
N VAL D 34 -0.10 3.15 -31.76
CA VAL D 34 0.05 4.31 -32.64
C VAL D 34 1.45 4.30 -33.24
N VAL D 35 1.54 4.23 -34.56
CA VAL D 35 2.81 4.35 -35.28
C VAL D 35 2.94 5.79 -35.79
N VAL D 36 3.91 6.53 -35.30
CA VAL D 36 4.12 7.90 -35.75
C VAL D 36 5.33 7.96 -36.68
N ASP D 37 5.40 9.02 -37.50
CA ASP D 37 6.50 9.27 -38.44
C ASP D 37 6.60 8.16 -39.50
N VAL D 38 5.54 8.01 -40.28
CA VAL D 38 5.48 6.96 -41.30
C VAL D 38 5.77 7.52 -42.70
N SER D 39 5.22 8.68 -43.03
CA SER D 39 5.42 9.33 -44.34
C SER D 39 5.03 8.45 -45.55
N PRO D 43 3.74 4.54 -46.42
CA PRO D 43 2.53 4.52 -45.58
C PRO D 43 1.94 3.12 -45.32
N ASP D 44 2.59 2.06 -45.79
CA ASP D 44 2.07 0.71 -45.65
C ASP D 44 2.73 0.01 -44.46
N VAL D 45 1.93 -0.33 -43.46
CA VAL D 45 2.42 -0.82 -42.17
C VAL D 45 1.70 -2.12 -41.79
N GLN D 46 2.45 -3.06 -41.24
CA GLN D 46 1.94 -4.37 -40.82
C GLN D 46 1.81 -4.35 -39.30
N ILE D 47 0.58 -4.42 -38.79
CA ILE D 47 0.34 -4.42 -37.35
C ILE D 47 -0.37 -5.72 -36.97
N SER D 48 0.33 -6.60 -36.27
CA SER D 48 -0.30 -7.77 -35.69
C SER D 48 -0.42 -7.62 -34.17
N TRP D 49 -1.37 -8.35 -33.59
CA TRP D 49 -1.76 -8.19 -32.20
C TRP D 49 -1.78 -9.53 -31.46
N PHE D 50 -1.35 -9.52 -30.20
CA PHE D 50 -1.27 -10.73 -29.42
C PHE D 50 -1.79 -10.52 -28.00
N VAL D 51 -2.54 -11.51 -27.51
CA VAL D 51 -3.03 -11.58 -26.14
C VAL D 51 -2.36 -12.79 -25.50
N ASN D 52 -1.53 -12.54 -24.49
CA ASN D 52 -0.63 -13.55 -23.92
C ASN D 52 0.01 -14.40 -25.01
N ASN D 53 0.42 -13.74 -26.11
CA ASN D 53 1.18 -14.29 -27.23
C ASN D 53 0.32 -15.10 -28.19
N VAL D 54 -1.00 -15.03 -28.06
CA VAL D 54 -1.94 -15.63 -29.02
C VAL D 54 -2.39 -14.54 -29.99
N GLU D 55 -2.08 -14.72 -31.28
CA GLU D 55 -2.46 -13.71 -32.26
C GLU D 55 -3.98 -13.59 -32.36
N VAL D 56 -4.44 -12.36 -32.58
CA VAL D 56 -5.86 -12.04 -32.70
C VAL D 56 -6.02 -11.06 -33.86
N HIS D 57 -7.22 -11.06 -34.47
CA HIS D 57 -7.39 -10.43 -35.78
C HIS D 57 -8.54 -9.43 -35.80
N THR D 58 -8.94 -8.93 -34.64
CA THR D 58 -10.10 -8.04 -34.54
C THR D 58 -9.76 -6.57 -34.68
N ALA D 59 -8.48 -6.19 -34.76
CA ALA D 59 -8.13 -4.77 -34.60
C ALA D 59 -8.52 -3.96 -35.82
N GLN D 60 -9.05 -2.77 -35.57
CA GLN D 60 -9.39 -1.82 -36.62
C GLN D 60 -8.29 -0.77 -36.72
N THR D 61 -7.78 -0.58 -37.94
CA THR D 61 -6.62 0.26 -38.20
C THR D 61 -6.98 1.40 -39.15
N GLN D 62 -6.53 2.59 -38.80
CA GLN D 62 -6.77 3.79 -39.59
C GLN D 62 -5.47 4.56 -39.73
N THR D 63 -5.29 5.15 -40.90
CA THR D 63 -4.17 6.05 -41.12
C THR D 63 -4.65 7.50 -41.09
N HIS D 64 -3.84 8.36 -40.47
CA HIS D 64 -4.15 9.79 -40.34
C HIS D 64 -3.02 10.63 -40.91
N ARG D 65 -3.38 11.79 -41.45
CA ARG D 65 -2.39 12.74 -41.92
C ARG D 65 -2.16 13.75 -40.80
N GLU D 66 -0.92 13.90 -40.39
CA GLU D 66 -0.55 14.85 -39.36
C GLU D 66 0.01 16.10 -40.08
N ASP D 67 -0.81 17.14 -40.20
CA ASP D 67 -0.39 18.28 -41.00
C ASP D 67 0.64 19.15 -40.30
N TYR D 68 0.80 19.01 -38.99
CA TYR D 68 1.76 19.86 -38.28
C TYR D 68 3.16 19.75 -38.89
N ASN D 69 3.53 18.55 -39.33
CA ASN D 69 4.85 18.34 -39.92
C ASN D 69 4.76 17.42 -41.14
N SER D 70 3.59 17.33 -41.78
CA SER D 70 3.40 16.49 -42.97
C SER D 70 3.96 15.08 -42.75
N THR D 71 3.52 14.47 -41.66
CA THR D 71 3.82 13.08 -41.37
C THR D 71 2.54 12.26 -41.47
N ILE D 72 2.73 10.96 -41.35
CA ILE D 72 1.64 10.03 -41.34
C ILE D 72 1.64 9.29 -40.00
N ARG D 73 0.47 9.11 -39.42
CA ARG D 73 0.32 8.37 -38.18
C ARG D 73 -0.71 7.26 -38.36
N VAL D 74 -0.32 6.02 -38.03
CA VAL D 74 -1.22 4.87 -38.09
C VAL D 74 -1.68 4.48 -36.70
N VAL D 75 -2.99 4.34 -36.53
CA VAL D 75 -3.64 4.03 -35.26
C VAL D 75 -4.36 2.70 -35.42
N SER D 76 -3.90 1.69 -34.70
CA SER D 76 -4.53 0.38 -34.68
C SER D 76 -5.14 0.15 -33.31
N THR D 77 -6.43 -0.18 -33.26
CA THR D 77 -7.13 -0.28 -32.00
C THR D 77 -7.70 -1.69 -31.87
N LEU D 78 -7.29 -2.39 -30.82
CA LEU D 78 -7.71 -3.77 -30.64
C LEU D 78 -8.82 -3.81 -29.61
N PRO D 79 -10.05 -4.19 -29.97
CA PRO D 79 -11.08 -4.42 -28.95
C PRO D 79 -10.71 -5.62 -28.10
N ILE D 80 -10.92 -5.50 -26.78
CA ILE D 80 -10.46 -6.52 -25.85
C ILE D 80 -11.59 -6.89 -24.91
N GLN D 81 -11.45 -8.04 -24.29
CA GLN D 81 -12.42 -8.47 -23.29
C GLN D 81 -12.10 -7.84 -21.94
N HIS D 82 -13.12 -7.27 -21.31
CA HIS D 82 -12.93 -6.57 -20.05
C HIS D 82 -12.14 -7.39 -19.06
N GLN D 83 -12.43 -8.68 -18.96
CA GLN D 83 -11.78 -9.50 -17.95
C GLN D 83 -10.35 -9.83 -18.32
N ASP D 84 -10.02 -9.81 -19.61
CA ASP D 84 -8.63 -10.00 -20.01
C ASP D 84 -7.77 -8.82 -19.58
N TRP D 85 -8.30 -7.61 -19.72
CA TRP D 85 -7.64 -6.45 -19.13
C TRP D 85 -7.53 -6.59 -17.61
N MET D 86 -8.66 -6.90 -16.95
CA MET D 86 -8.74 -6.83 -15.49
C MET D 86 -7.84 -7.87 -14.82
N SER D 87 -7.72 -9.04 -15.40
CA SER D 87 -6.89 -10.10 -14.86
C SER D 87 -5.42 -9.97 -15.25
N GLY D 88 -5.04 -8.95 -16.02
CA GLY D 88 -3.62 -8.70 -16.26
C GLY D 88 -3.00 -9.49 -17.38
N LYS D 89 -3.76 -9.91 -18.39
CA LYS D 89 -3.14 -10.47 -19.57
C LYS D 89 -2.30 -9.41 -20.27
N GLU D 90 -1.36 -9.84 -21.09
CA GLU D 90 -0.46 -8.95 -21.77
C GLU D 90 -0.86 -8.77 -23.24
N PHE D 91 -1.04 -7.53 -23.64
CA PHE D 91 -1.40 -7.18 -25.01
C PHE D 91 -0.18 -6.68 -25.75
N LYS D 92 0.04 -7.18 -26.96
CA LYS D 92 1.22 -6.87 -27.74
C LYS D 92 0.81 -6.44 -29.13
N CYS D 93 1.39 -5.35 -29.62
CA CYS D 93 1.32 -5.00 -31.03
C CYS D 93 2.71 -5.13 -31.63
N LYS D 94 2.76 -5.60 -32.87
CA LYS D 94 4.01 -5.81 -33.60
C LYS D 94 3.88 -5.10 -34.94
N VAL D 95 4.81 -4.20 -35.21
CA VAL D 95 4.71 -3.26 -36.32
C VAL D 95 5.88 -3.52 -37.27
N ASN D 96 5.58 -3.60 -38.58
CA ASN D 96 6.58 -3.81 -39.62
C ASN D 96 6.49 -2.72 -40.70
N ASN D 97 7.63 -2.51 -41.37
CA ASN D 97 7.76 -1.53 -42.45
C ASN D 97 8.75 -2.02 -43.50
N PRO D 101 14.03 -1.75 -40.26
CA PRO D 101 14.90 -2.92 -40.12
C PRO D 101 14.12 -4.17 -39.73
N SER D 102 14.18 -4.56 -38.34
CA SER D 102 13.44 -5.63 -37.65
C SER D 102 12.20 -5.05 -36.97
N PRO D 103 11.15 -5.84 -36.78
CA PRO D 103 9.86 -5.26 -36.34
C PRO D 103 9.87 -4.75 -34.90
N ILE D 104 9.04 -3.75 -34.65
CA ILE D 104 8.95 -3.08 -33.35
C ILE D 104 7.78 -3.65 -32.57
N GLU D 105 8.04 -4.11 -31.35
CA GLU D 105 7.00 -4.66 -30.49
C GLU D 105 6.77 -3.74 -29.30
N ARG D 106 5.50 -3.61 -28.90
CA ARG D 106 5.13 -2.91 -27.68
C ARG D 106 4.13 -3.77 -26.93
N THR D 107 4.24 -3.80 -25.61
CA THR D 107 3.37 -4.59 -24.74
C THR D 107 2.76 -3.69 -23.68
N ILE D 108 1.63 -4.12 -23.14
CA ILE D 108 0.94 -3.39 -22.08
C ILE D 108 0.02 -4.35 -21.34
N SER D 109 -0.13 -4.13 -20.04
CA SER D 109 -1.12 -4.86 -19.25
C SER D 109 -1.52 -4.01 -18.05
N LYS D 110 -2.66 -4.35 -17.45
CA LYS D 110 -3.07 -3.67 -16.24
C LYS D 110 -2.06 -3.97 -15.13
N ILE D 111 -1.67 -2.94 -14.39
CA ILE D 111 -0.91 -3.17 -13.17
C ILE D 111 -1.91 -3.35 -12.04
N LYS D 112 -1.94 -4.56 -11.49
CA LYS D 112 -2.75 -4.92 -10.31
C LYS D 112 -2.00 -4.48 -9.06
N GLY D 113 -2.43 -3.40 -8.43
CA GLY D 113 -1.81 -2.88 -7.21
C GLY D 113 -2.84 -2.51 -6.17
N LEU D 114 -2.50 -1.50 -5.38
CA LEU D 114 -3.38 -0.97 -4.34
C LEU D 114 -4.68 -0.46 -4.95
N VAL D 115 -5.79 -0.85 -4.36
CA VAL D 115 -7.08 -0.30 -4.74
C VAL D 115 -7.67 0.38 -3.52
N ARG D 116 -8.03 1.65 -3.71
CA ARG D 116 -8.60 2.48 -2.66
C ARG D 116 -9.76 3.21 -3.30
N ALA D 117 -10.94 3.12 -2.70
CA ALA D 117 -12.11 3.76 -3.28
C ALA D 117 -12.07 5.27 -3.04
N PRO D 118 -12.52 6.06 -4.00
CA PRO D 118 -12.55 7.52 -3.81
C PRO D 118 -13.72 7.98 -2.97
N GLN D 119 -13.49 9.05 -2.20
CA GLN D 119 -14.60 9.87 -1.72
C GLN D 119 -14.96 10.91 -2.77
N VAL D 120 -16.26 11.16 -2.92
CA VAL D 120 -16.78 12.06 -3.94
C VAL D 120 -17.56 13.18 -3.25
N TYR D 121 -17.24 14.42 -3.58
CA TYR D 121 -17.92 15.58 -3.02
C TYR D 121 -18.28 16.53 -4.14
N ILE D 122 -19.46 17.15 -4.04
CA ILE D 122 -19.86 18.22 -4.97
C ILE D 122 -19.87 19.53 -4.21
N LEU D 123 -19.09 20.49 -4.69
CA LEU D 123 -19.09 21.79 -4.05
C LEU D 123 -20.11 22.68 -4.76
N PRO D 124 -20.84 23.53 -4.05
CA PRO D 124 -21.69 24.53 -4.71
C PRO D 124 -20.85 25.66 -5.26
N PRO D 125 -21.40 26.52 -6.13
CA PRO D 125 -20.63 27.67 -6.61
C PRO D 125 -20.19 28.53 -5.45
N PRO D 126 -19.01 29.14 -5.53
CA PRO D 126 -18.58 30.08 -4.48
C PRO D 126 -19.60 31.20 -4.32
N ALA D 127 -19.66 31.75 -3.11
CA ALA D 127 -20.67 32.78 -2.84
C ALA D 127 -20.46 33.99 -3.75
N GLU D 128 -19.21 34.35 -4.00
CA GLU D 128 -18.90 35.55 -4.77
C GLU D 128 -19.18 35.39 -6.25
N GLN D 129 -19.37 34.16 -6.72
CA GLN D 129 -19.64 33.91 -8.14
C GLN D 129 -21.12 34.01 -8.49
N LEU D 130 -22.01 33.88 -7.50
CA LEU D 130 -23.44 33.92 -7.78
C LEU D 130 -23.88 35.25 -8.40
N SER D 131 -23.11 36.33 -8.20
CA SER D 131 -23.40 37.62 -8.84
C SER D 131 -23.53 37.49 -10.35
N ARG D 132 -22.72 36.64 -10.97
CA ARG D 132 -22.49 36.69 -12.40
C ARG D 132 -23.43 35.79 -13.18
N LYS D 133 -23.30 35.84 -14.50
CA LYS D 133 -24.17 35.13 -15.42
C LYS D 133 -23.83 33.66 -15.56
N ASP D 134 -22.66 33.23 -15.06
CA ASP D 134 -22.29 31.82 -15.08
C ASP D 134 -21.72 31.43 -13.72
N VAL D 135 -21.92 30.17 -13.36
CA VAL D 135 -21.39 29.62 -12.12
C VAL D 135 -20.70 28.29 -12.41
N SER D 136 -19.82 27.90 -11.50
CA SER D 136 -19.03 26.68 -11.62
C SER D 136 -19.45 25.71 -10.53
N LEU D 137 -19.82 24.50 -10.93
CA LEU D 137 -20.00 23.40 -10.00
C LEU D 137 -18.72 22.59 -9.98
N THR D 138 -18.30 22.18 -8.79
CA THR D 138 -17.04 21.45 -8.62
C THR D 138 -17.32 20.07 -8.06
N CYS D 139 -16.78 19.07 -8.70
CA CYS D 139 -16.75 17.73 -8.16
C CYS D 139 -15.34 17.44 -7.69
N LEU D 140 -15.17 17.27 -6.38
CA LEU D 140 -13.89 16.93 -5.78
C LEU D 140 -13.92 15.45 -5.44
N VAL D 141 -13.03 14.68 -6.08
CA VAL D 141 -12.89 13.26 -5.85
C VAL D 141 -11.52 13.05 -5.24
N VAL D 142 -11.46 12.46 -4.04
CA VAL D 142 -10.19 12.38 -3.31
C VAL D 142 -9.94 10.94 -2.81
N GLY D 143 -8.66 10.59 -2.73
CA GLY D 143 -8.25 9.37 -2.04
C GLY D 143 -8.35 8.08 -2.81
N PHE D 144 -8.20 8.09 -4.13
CA PHE D 144 -8.34 6.85 -4.88
C PHE D 144 -6.99 6.32 -5.37
N ASN D 145 -6.93 5.00 -5.50
CA ASN D 145 -5.85 4.30 -6.15
C ASN D 145 -6.52 3.15 -6.90
N PRO D 146 -6.06 2.85 -8.14
CA PRO D 146 -5.05 3.61 -8.88
C PRO D 146 -5.61 4.93 -9.42
N GLY D 147 -4.77 5.70 -10.14
CA GLY D 147 -5.14 7.01 -10.64
C GLY D 147 -6.09 7.02 -11.85
N ASP D 148 -6.56 5.86 -12.29
CA ASP D 148 -7.47 5.81 -13.42
C ASP D 148 -8.89 5.99 -12.91
N ILE D 149 -9.61 6.96 -13.47
CA ILE D 149 -10.93 7.31 -12.97
C ILE D 149 -11.73 7.95 -14.09
N SER D 150 -13.06 7.95 -13.94
CA SER D 150 -13.94 8.59 -14.91
C SER D 150 -14.95 9.43 -14.15
N VAL D 151 -15.04 10.72 -14.48
CA VAL D 151 -15.95 11.66 -13.84
C VAL D 151 -16.75 12.35 -14.92
N GLU D 152 -18.08 12.24 -14.84
CA GLU D 152 -18.98 12.86 -15.81
C GLU D 152 -20.12 13.56 -15.09
N TRP D 153 -20.79 14.46 -15.80
CA TRP D 153 -21.86 15.28 -15.21
C TRP D 153 -23.20 15.03 -15.89
N THR D 154 -24.26 15.06 -15.08
CA THR D 154 -25.63 14.95 -15.55
C THR D 154 -26.48 15.96 -14.80
N SER D 155 -27.58 16.37 -15.42
CA SER D 155 -28.60 17.17 -14.77
C SER D 155 -29.96 16.54 -15.06
N ASN D 156 -30.65 16.09 -13.99
CA ASN D 156 -31.90 15.32 -14.11
C ASN D 156 -31.75 14.15 -15.09
N GLY D 157 -30.61 13.48 -15.06
CA GLY D 157 -30.34 12.38 -15.99
C GLY D 157 -29.89 12.81 -17.38
N HIS D 158 -30.02 14.08 -17.73
CA HIS D 158 -29.55 14.61 -19.01
C HIS D 158 -28.03 14.81 -18.97
N THR D 159 -27.36 14.46 -20.06
CA THR D 159 -25.89 14.49 -20.10
C THR D 159 -25.36 15.91 -20.25
N GLU D 160 -24.48 16.32 -19.34
CA GLU D 160 -23.81 17.61 -19.41
C GLU D 160 -22.39 17.41 -19.94
N GLU D 161 -22.01 18.20 -20.94
CA GLU D 161 -20.72 18.03 -21.58
C GLU D 161 -19.83 19.28 -21.49
N ASN D 162 -20.33 20.36 -20.89
CA ASN D 162 -19.55 21.58 -20.69
C ASN D 162 -18.71 21.49 -19.41
N TYR D 163 -17.84 20.49 -19.34
CA TYR D 163 -17.02 20.32 -18.15
C TYR D 163 -15.59 20.05 -18.53
N LYS D 164 -14.68 20.45 -17.63
CA LYS D 164 -13.26 20.12 -17.73
C LYS D 164 -12.80 19.59 -16.38
N ASP D 165 -11.94 18.59 -16.40
CA ASP D 165 -11.35 18.16 -15.15
C ASP D 165 -9.83 18.31 -15.21
N THR D 166 -9.21 18.19 -14.05
CA THR D 166 -7.77 18.25 -13.96
C THR D 166 -7.20 16.86 -14.24
N ALA D 167 -5.91 16.73 -14.23
CA ALA D 167 -5.43 15.37 -14.21
C ALA D 167 -5.64 14.79 -12.80
N PRO D 168 -5.69 13.47 -12.66
CA PRO D 168 -5.46 12.90 -11.33
C PRO D 168 -4.11 13.37 -10.82
N VAL D 169 -4.11 13.96 -9.63
CA VAL D 169 -2.92 14.50 -9.00
C VAL D 169 -2.59 13.64 -7.78
N LEU D 170 -1.31 13.32 -7.64
CA LEU D 170 -0.84 12.54 -6.51
C LEU D 170 -0.92 13.37 -5.23
N ASP D 171 -1.53 12.82 -4.20
CA ASP D 171 -1.64 13.48 -2.91
C ASP D 171 -0.56 12.95 -1.96
N SER D 172 -0.48 13.54 -0.76
CA SER D 172 0.66 13.22 0.09
C SER D 172 0.59 11.79 0.63
N ASP D 173 -0.61 11.27 0.89
CA ASP D 173 -0.75 9.90 1.36
C ASP D 173 -0.60 8.85 0.23
N GLY D 174 -0.06 9.20 -0.93
CA GLY D 174 0.08 8.27 -2.05
C GLY D 174 -1.20 7.94 -2.80
N SER D 175 -2.32 8.57 -2.46
CA SER D 175 -3.56 8.44 -3.20
C SER D 175 -3.71 9.61 -4.17
N TYR D 176 -4.71 9.53 -5.03
CA TYR D 176 -4.92 10.54 -6.04
C TYR D 176 -6.18 11.34 -5.76
N PHE D 177 -6.20 12.57 -6.29
CA PHE D 177 -7.39 13.40 -6.27
C PHE D 177 -7.57 14.05 -7.65
N ILE D 178 -8.79 14.46 -7.91
CA ILE D 178 -9.13 15.11 -9.17
C ILE D 178 -10.27 16.07 -8.91
N TYR D 179 -10.24 17.22 -9.58
CA TYR D 179 -11.34 18.18 -9.57
C TYR D 179 -11.97 18.19 -10.95
N SER D 180 -13.29 18.33 -10.99
CA SER D 180 -14.01 18.45 -12.25
C SER D 180 -14.93 19.65 -12.13
N LYS D 181 -14.91 20.50 -13.14
CA LYS D 181 -15.60 21.79 -13.12
C LYS D 181 -16.67 21.79 -14.20
N LEU D 182 -17.93 21.88 -13.78
CA LEU D 182 -19.05 22.09 -14.69
C LEU D 182 -19.42 23.56 -14.64
N ASN D 183 -19.26 24.26 -15.76
CA ASN D 183 -19.72 25.63 -15.91
C ASN D 183 -21.09 25.60 -16.56
N MET D 184 -22.01 26.40 -16.03
CA MET D 184 -23.30 26.56 -16.69
C MET D 184 -23.92 27.86 -16.19
N LYS D 185 -25.00 28.25 -16.83
CA LYS D 185 -25.52 29.60 -16.64
C LYS D 185 -26.21 29.71 -15.30
N THR D 186 -26.05 30.85 -14.64
CA THR D 186 -26.70 31.03 -13.34
C THR D 186 -28.21 30.85 -13.47
N SER D 187 -28.77 31.20 -14.63
CA SER D 187 -30.19 30.92 -14.88
C SER D 187 -30.47 29.42 -14.79
N LYS D 188 -29.61 28.61 -15.41
CA LYS D 188 -29.77 27.16 -15.37
C LYS D 188 -29.64 26.64 -13.93
N TRP D 189 -28.72 27.22 -13.16
CA TRP D 189 -28.48 26.78 -11.80
C TRP D 189 -29.72 27.00 -10.92
N GLU D 190 -30.44 28.08 -11.18
CA GLU D 190 -31.62 28.38 -10.35
C GLU D 190 -32.81 27.51 -10.74
N LYS D 191 -33.01 27.30 -12.05
CA LYS D 191 -34.20 26.59 -12.52
C LYS D 191 -34.07 25.08 -12.30
N THR D 192 -32.99 24.46 -12.78
CA THR D 192 -32.90 23.00 -12.79
C THR D 192 -32.87 22.42 -11.38
N ASP D 193 -33.51 21.25 -11.25
CA ASP D 193 -33.70 20.61 -9.95
C ASP D 193 -32.38 20.17 -9.34
N SER D 194 -31.58 19.42 -10.10
CA SER D 194 -30.47 18.69 -9.52
C SER D 194 -29.33 18.61 -10.53
N PHE D 195 -28.11 18.66 -10.04
CA PHE D 195 -26.93 18.37 -10.85
C PHE D 195 -26.15 17.24 -10.17
N SER D 196 -25.57 16.37 -10.97
CA SER D 196 -24.96 15.16 -10.46
C SER D 196 -23.56 14.97 -11.04
N CYS D 197 -22.66 14.54 -10.17
CA CYS D 197 -21.31 14.10 -10.52
C CYS D 197 -21.29 12.58 -10.53
N ASN D 198 -20.75 11.98 -11.57
CA ASN D 198 -20.86 10.56 -11.84
C ASN D 198 -19.47 9.95 -11.94
N VAL D 199 -19.11 9.13 -10.96
CA VAL D 199 -17.74 8.66 -10.79
C VAL D 199 -17.69 7.16 -11.01
N ARG D 200 -16.77 6.72 -11.85
CA ARG D 200 -16.55 5.31 -12.10
C ARG D 200 -15.11 4.99 -11.76
N HIS D 201 -14.92 4.00 -10.90
CA HIS D 201 -13.59 3.66 -10.41
C HIS D 201 -13.57 2.22 -9.93
N GLU D 202 -12.44 1.56 -10.16
CA GLU D 202 -12.19 0.19 -9.73
C GLU D 202 -12.66 -0.10 -8.33
N GLY D 203 -12.39 0.84 -7.43
CA GLY D 203 -12.56 0.61 -6.02
C GLY D 203 -13.96 0.82 -5.49
N LEU D 204 -14.84 1.46 -6.25
CA LEU D 204 -16.19 1.69 -5.78
C LEU D 204 -17.03 0.42 -5.85
N LYS D 205 -17.99 0.34 -4.93
CA LYS D 205 -19.03 -0.68 -5.01
C LYS D 205 -19.72 -0.56 -6.35
N ASN D 206 -19.72 -1.65 -7.11
CA ASN D 206 -20.31 -1.69 -8.44
C ASN D 206 -19.69 -0.66 -9.37
N TYR D 207 -18.44 -0.26 -9.08
CA TYR D 207 -17.65 0.56 -9.99
C TYR D 207 -18.25 1.94 -10.23
N TYR D 208 -19.15 2.42 -9.39
CA TYR D 208 -19.90 3.61 -9.76
C TYR D 208 -20.48 4.25 -8.52
N LEU D 209 -20.41 5.58 -8.44
CA LEU D 209 -21.03 6.31 -7.34
C LEU D 209 -21.48 7.65 -7.90
N LYS D 210 -22.71 8.02 -7.59
CA LYS D 210 -23.29 9.28 -8.07
C LYS D 210 -23.58 10.15 -6.86
N LYS D 211 -23.15 11.40 -6.90
CA LYS D 211 -23.55 12.39 -5.91
C LYS D 211 -24.30 13.50 -6.64
N THR D 212 -25.13 14.21 -5.89
CA THR D 212 -26.11 15.12 -6.48
C THR D 212 -26.25 16.38 -5.64
N ILE D 213 -26.61 17.49 -6.29
CA ILE D 213 -26.60 18.82 -5.70
C ILE D 213 -27.82 19.59 -6.17
N SER D 214 -28.35 20.45 -5.29
CA SER D 214 -29.41 21.39 -5.64
C SER D 214 -29.14 22.75 -5.00
N ARG D 215 -29.62 23.81 -5.67
CA ARG D 215 -29.37 25.17 -5.22
C ARG D 215 -29.88 25.45 -3.80
N PRO E 10 22.66 -31.64 -10.84
CA PRO E 10 22.86 -30.18 -10.79
C PRO E 10 21.61 -29.43 -10.32
N SER E 11 21.81 -28.27 -9.70
CA SER E 11 20.72 -27.42 -9.24
C SER E 11 20.92 -26.00 -9.78
N VAL E 12 19.80 -25.26 -9.85
CA VAL E 12 19.75 -23.96 -10.53
C VAL E 12 19.13 -22.93 -9.59
N PHE E 13 19.77 -21.76 -9.51
CA PHE E 13 19.30 -20.66 -8.67
C PHE E 13 19.16 -19.40 -9.51
N ILE E 14 18.09 -18.65 -9.27
CA ILE E 14 17.81 -17.43 -10.01
C ILE E 14 17.85 -16.25 -9.05
N PHE E 15 18.37 -15.12 -9.53
CA PHE E 15 18.65 -13.96 -8.70
C PHE E 15 18.17 -12.69 -9.38
N PRO E 16 17.58 -11.77 -8.63
CA PRO E 16 17.01 -10.55 -9.22
C PRO E 16 18.10 -9.56 -9.57
N PRO E 17 17.77 -8.48 -10.28
CA PRO E 17 18.76 -7.44 -10.51
C PRO E 17 19.11 -6.70 -9.23
N ASN E 18 20.25 -6.03 -9.25
CA ASN E 18 20.58 -5.13 -8.16
C ASN E 18 19.72 -3.89 -8.27
N ILE E 19 19.22 -3.42 -7.11
CA ILE E 19 18.27 -2.32 -7.13
C ILE E 19 18.89 -1.05 -7.72
N LYS E 20 20.19 -0.83 -7.52
CA LYS E 20 20.80 0.35 -8.12
C LYS E 20 20.76 0.27 -9.65
N ASP E 21 21.11 -0.89 -10.22
CA ASP E 21 21.00 -1.07 -11.66
C ASP E 21 19.58 -0.81 -12.16
N VAL E 22 18.58 -1.30 -11.42
CA VAL E 22 17.19 -1.15 -11.82
C VAL E 22 16.79 0.32 -11.83
N LEU E 23 17.22 1.09 -10.82
CA LEU E 23 16.80 2.46 -10.65
C LEU E 23 17.70 3.47 -11.36
N MET E 24 18.77 3.04 -12.02
CA MET E 24 19.64 3.94 -12.78
C MET E 24 19.49 3.59 -14.26
N ILE E 25 18.77 4.43 -15.00
CA ILE E 25 18.49 4.10 -16.40
C ILE E 25 19.78 3.95 -17.20
N SER E 26 20.84 4.62 -16.75
CA SER E 26 22.13 4.53 -17.43
C SER E 26 22.84 3.20 -17.19
N LEU E 27 22.44 2.45 -16.17
CA LEU E 27 23.04 1.15 -15.88
C LEU E 27 22.22 0.03 -16.52
N THR E 28 22.77 -1.19 -16.46
CA THR E 28 22.12 -2.34 -17.06
C THR E 28 21.75 -3.37 -16.00
N PRO E 29 20.48 -3.49 -15.64
CA PRO E 29 20.06 -4.51 -14.67
C PRO E 29 20.03 -5.89 -15.32
N LYS E 30 20.32 -6.90 -14.52
CA LYS E 30 20.46 -8.25 -15.07
C LYS E 30 19.80 -9.28 -14.17
N VAL E 31 18.98 -10.13 -14.76
CA VAL E 31 18.53 -11.32 -14.06
C VAL E 31 19.58 -12.39 -14.27
N THR E 32 19.87 -13.15 -13.21
CA THR E 32 20.94 -14.12 -13.25
C THR E 32 20.40 -15.49 -12.89
N CYS E 33 20.77 -16.47 -13.70
CA CYS E 33 20.42 -17.86 -13.51
C CYS E 33 21.74 -18.59 -13.30
N VAL E 34 21.89 -19.26 -12.17
CA VAL E 34 23.16 -19.87 -11.78
C VAL E 34 22.94 -21.37 -11.64
N VAL E 35 23.69 -22.16 -12.40
CA VAL E 35 23.60 -23.62 -12.34
C VAL E 35 24.90 -24.12 -11.70
N VAL E 36 24.75 -24.94 -10.65
CA VAL E 36 25.88 -25.40 -9.84
C VAL E 36 26.04 -26.90 -10.02
N ASP E 37 27.30 -27.33 -10.16
CA ASP E 37 27.71 -28.73 -10.32
C ASP E 37 27.36 -29.31 -11.70
N VAL E 45 26.13 -27.08 -21.01
CA VAL E 45 24.78 -26.80 -20.55
C VAL E 45 24.13 -25.69 -21.37
N GLN E 46 22.81 -25.82 -21.59
CA GLN E 46 22.06 -25.00 -22.55
C GLN E 46 21.02 -24.20 -21.76
N ILE E 47 21.16 -22.88 -21.75
CA ILE E 47 20.29 -22.00 -20.97
C ILE E 47 19.51 -21.08 -21.91
N SER E 48 18.18 -21.23 -21.89
CA SER E 48 17.28 -20.37 -22.65
C SER E 48 16.54 -19.45 -21.70
N TRP E 49 16.24 -18.24 -22.17
CA TRP E 49 15.62 -17.20 -21.37
C TRP E 49 14.29 -16.79 -21.98
N PHE E 50 13.34 -16.44 -21.11
CA PHE E 50 12.00 -16.04 -21.52
C PHE E 50 11.52 -14.88 -20.66
N VAL E 51 10.90 -13.89 -21.31
CA VAL E 51 10.30 -12.75 -20.65
C VAL E 51 8.81 -12.83 -20.93
N ASN E 52 8.01 -13.07 -19.90
CA ASN E 52 6.57 -13.33 -20.06
C ASN E 52 6.32 -14.43 -21.11
N ASN E 53 7.17 -15.45 -21.09
CA ASN E 53 7.09 -16.64 -21.92
C ASN E 53 7.42 -16.42 -23.38
N VAL E 54 8.18 -15.40 -23.74
CA VAL E 54 8.71 -15.20 -25.07
C VAL E 54 10.22 -15.34 -24.99
N GLU E 55 10.79 -16.26 -25.77
CA GLU E 55 12.23 -16.49 -25.70
C GLU E 55 12.97 -15.21 -26.10
N VAL E 56 14.09 -14.96 -25.42
CA VAL E 56 14.99 -13.86 -25.75
C VAL E 56 16.39 -14.44 -25.79
N HIS E 57 17.28 -13.77 -26.55
CA HIS E 57 18.58 -14.34 -26.89
C HIS E 57 19.75 -13.46 -26.47
N THR E 58 19.51 -12.49 -25.59
CA THR E 58 20.51 -11.48 -25.27
C THR E 58 21.43 -11.88 -24.11
N ALA E 59 21.29 -13.08 -23.55
CA ALA E 59 22.00 -13.39 -22.32
C ALA E 59 23.48 -13.66 -22.56
N GLN E 60 24.28 -13.37 -21.52
CA GLN E 60 25.71 -13.67 -21.46
C GLN E 60 25.91 -14.85 -20.51
N THR E 61 26.46 -15.94 -21.03
CA THR E 61 26.71 -17.15 -20.25
C THR E 61 28.22 -17.41 -20.15
N GLN E 62 28.65 -17.94 -19.00
CA GLN E 62 30.06 -18.26 -18.77
C GLN E 62 30.20 -19.46 -17.84
N THR E 63 31.26 -20.23 -18.09
CA THR E 63 31.68 -21.35 -17.25
C THR E 63 32.74 -20.87 -16.27
N HIS E 64 32.74 -21.41 -15.06
CA HIS E 64 33.69 -20.94 -14.05
C HIS E 64 34.42 -22.07 -13.38
N ASN E 69 36.25 -26.04 -4.24
CA ASN E 69 36.01 -27.48 -4.17
C ASN E 69 36.09 -28.15 -5.53
N SER E 70 36.64 -27.44 -6.51
CA SER E 70 36.89 -27.96 -7.86
C SER E 70 35.69 -28.75 -8.39
N THR E 71 34.55 -28.08 -8.44
CA THR E 71 33.43 -28.39 -9.33
C THR E 71 33.15 -27.10 -10.11
N ILE E 72 32.31 -27.20 -11.13
CA ILE E 72 32.19 -26.11 -12.10
C ILE E 72 30.73 -25.68 -12.22
N ARG E 73 30.51 -24.37 -12.19
CA ARG E 73 29.20 -23.72 -12.17
C ARG E 73 29.09 -22.81 -13.39
N VAL E 74 27.89 -22.75 -13.98
CA VAL E 74 27.64 -21.93 -15.16
C VAL E 74 26.71 -20.78 -14.77
N VAL E 75 27.07 -19.55 -15.16
CA VAL E 75 26.32 -18.37 -14.77
C VAL E 75 25.84 -17.67 -16.03
N SER E 76 24.53 -17.62 -16.21
CA SER E 76 23.92 -16.93 -17.33
C SER E 76 23.20 -15.67 -16.83
N THR E 77 23.39 -14.60 -17.56
CA THR E 77 23.01 -13.28 -17.08
C THR E 77 22.30 -12.53 -18.19
N LEU E 78 21.01 -12.30 -18.00
CA LEU E 78 20.16 -11.70 -19.01
C LEU E 78 20.03 -10.21 -18.74
N PRO E 79 20.59 -9.34 -19.58
CA PRO E 79 20.27 -7.92 -19.45
C PRO E 79 18.79 -7.73 -19.68
N ILE E 80 18.18 -6.84 -18.91
CA ILE E 80 16.75 -6.64 -18.97
C ILE E 80 16.47 -5.15 -18.99
N GLN E 81 15.34 -4.78 -19.58
CA GLN E 81 14.87 -3.41 -19.49
C GLN E 81 14.34 -3.09 -18.09
N HIS E 82 14.71 -1.91 -17.60
CA HIS E 82 14.34 -1.44 -16.27
C HIS E 82 12.83 -1.55 -16.05
N GLN E 83 12.04 -1.06 -17.01
CA GLN E 83 10.61 -0.98 -16.80
C GLN E 83 9.95 -2.36 -16.80
N ASP E 84 10.60 -3.36 -17.42
CA ASP E 84 10.05 -4.71 -17.38
C ASP E 84 10.19 -5.33 -15.99
N TRP E 85 11.31 -5.07 -15.30
CA TRP E 85 11.40 -5.48 -13.91
C TRP E 85 10.35 -4.75 -13.09
N MET E 86 10.35 -3.42 -13.18
CA MET E 86 9.43 -2.60 -12.39
C MET E 86 7.97 -2.92 -12.62
N SER E 87 7.59 -3.36 -13.82
CA SER E 87 6.19 -3.59 -14.11
C SER E 87 5.75 -5.01 -13.77
N GLY E 88 6.68 -5.88 -13.33
CA GLY E 88 6.30 -7.18 -12.82
C GLY E 88 6.32 -8.32 -13.82
N LYS E 89 7.01 -8.17 -14.95
CA LYS E 89 7.13 -9.24 -15.91
C LYS E 89 7.84 -10.46 -15.29
N GLU E 90 7.56 -11.63 -15.86
CA GLU E 90 8.21 -12.87 -15.42
C GLU E 90 9.49 -13.08 -16.22
N PHE E 91 10.57 -13.41 -15.53
CA PHE E 91 11.83 -13.77 -16.15
C PHE E 91 12.12 -15.23 -15.83
N LYS E 92 12.32 -16.04 -16.86
CA LYS E 92 12.41 -17.49 -16.75
C LYS E 92 13.65 -17.98 -17.49
N CYS E 93 14.36 -18.92 -16.89
CA CYS E 93 15.49 -19.59 -17.52
C CYS E 93 15.22 -21.10 -17.53
N LYS E 94 15.49 -21.72 -18.68
CA LYS E 94 15.40 -23.16 -18.84
C LYS E 94 16.80 -23.72 -18.99
N VAL E 95 17.11 -24.76 -18.21
CA VAL E 95 18.43 -25.40 -18.22
C VAL E 95 18.28 -26.83 -18.70
N ASN E 96 19.09 -27.21 -19.69
CA ASN E 96 19.03 -28.56 -20.28
C ASN E 96 20.40 -29.24 -20.29
N PRO E 101 18.40 -34.77 -17.80
CA PRO E 101 17.11 -35.37 -18.17
C PRO E 101 16.10 -34.36 -18.71
N SER E 102 15.05 -34.08 -17.93
CA SER E 102 14.06 -33.04 -18.16
C SER E 102 14.66 -31.65 -17.90
N PRO E 103 14.05 -30.58 -18.44
CA PRO E 103 14.62 -29.24 -18.21
C PRO E 103 14.22 -28.63 -16.87
N ILE E 104 15.20 -28.01 -16.21
CA ILE E 104 14.98 -27.31 -14.94
C ILE E 104 14.63 -25.85 -15.25
N GLU E 105 13.45 -25.42 -14.80
CA GLU E 105 12.98 -24.04 -14.99
C GLU E 105 13.04 -23.26 -13.68
N ARG E 106 13.40 -21.98 -13.78
CA ARG E 106 13.33 -21.04 -12.65
C ARG E 106 12.68 -19.75 -13.13
N THR E 107 11.68 -19.26 -12.39
CA THR E 107 11.03 -18.00 -12.67
C THR E 107 11.29 -17.01 -11.54
N ILE E 108 11.25 -15.73 -11.88
CA ILE E 108 11.40 -14.66 -10.90
C ILE E 108 10.70 -13.43 -11.43
N SER E 109 10.13 -12.65 -10.51
CA SER E 109 9.54 -11.37 -10.87
C SER E 109 9.55 -10.49 -9.63
N LYS E 110 9.46 -9.18 -9.85
CA LYS E 110 9.37 -8.22 -8.75
C LYS E 110 8.03 -8.37 -8.04
N ILE E 111 8.09 -8.52 -6.70
CA ILE E 111 6.86 -8.52 -5.88
C ILE E 111 6.18 -7.17 -5.95
N LYS E 112 4.88 -7.17 -6.21
CA LYS E 112 4.08 -5.96 -6.04
C LYS E 112 3.75 -5.81 -4.55
N GLY E 113 4.48 -4.92 -3.87
CA GLY E 113 4.18 -4.56 -2.50
C GLY E 113 3.69 -3.12 -2.40
N LEU E 114 3.37 -2.73 -1.19
CA LEU E 114 3.13 -1.31 -0.94
C LEU E 114 4.44 -0.54 -1.12
N VAL E 115 4.35 0.64 -1.74
CA VAL E 115 5.53 1.46 -1.97
C VAL E 115 5.42 2.68 -1.07
N ARG E 116 6.42 2.89 -0.22
CA ARG E 116 6.48 4.09 0.60
C ARG E 116 7.84 4.77 0.40
N ALA E 117 7.80 6.05 0.11
CA ALA E 117 9.02 6.80 -0.09
C ALA E 117 9.71 7.05 1.25
N PRO E 118 11.05 6.99 1.28
CA PRO E 118 11.76 7.29 2.53
C PRO E 118 11.81 8.78 2.83
N GLN E 119 11.86 9.09 4.12
CA GLN E 119 12.38 10.37 4.56
C GLN E 119 13.89 10.21 4.76
N VAL E 120 14.62 11.25 4.38
CA VAL E 120 16.07 11.24 4.41
C VAL E 120 16.54 12.40 5.28
N TYR E 121 17.33 12.09 6.30
CA TYR E 121 17.94 13.09 7.17
C TYR E 121 19.44 12.89 7.21
N ILE E 122 20.19 13.98 7.30
CA ILE E 122 21.61 13.91 7.62
C ILE E 122 21.81 14.49 9.01
N LEU E 123 22.50 13.73 9.87
CA LEU E 123 22.87 14.12 11.21
C LEU E 123 24.34 14.54 11.22
N PRO E 124 24.64 15.70 11.79
CA PRO E 124 26.03 16.15 11.90
C PRO E 124 26.77 15.31 12.93
N PRO E 125 28.09 15.46 13.06
CA PRO E 125 28.82 14.62 14.02
C PRO E 125 28.32 14.87 15.42
N PRO E 126 28.36 13.86 16.29
CA PRO E 126 28.10 14.10 17.72
C PRO E 126 29.06 15.14 18.26
N ALA E 127 28.53 16.04 19.07
CA ALA E 127 29.34 17.16 19.57
C ALA E 127 30.68 16.70 20.13
N GLU E 128 30.69 15.62 20.92
CA GLU E 128 31.91 15.22 21.59
C GLU E 128 32.86 14.46 20.67
N GLN E 129 32.55 14.42 19.37
CA GLN E 129 33.47 13.90 18.38
C GLN E 129 34.23 15.01 17.68
N LEU E 130 33.74 16.26 17.79
CA LEU E 130 34.30 17.37 17.04
C LEU E 130 35.76 17.64 17.41
N SER E 131 36.20 17.16 18.57
CA SER E 131 37.57 17.35 19.01
C SER E 131 38.52 16.33 18.41
N ARG E 132 38.01 15.25 17.84
CA ARG E 132 38.87 14.19 17.32
C ARG E 132 39.33 14.51 15.90
N LYS E 133 40.21 13.66 15.39
CA LYS E 133 40.77 13.84 14.06
C LYS E 133 39.77 13.47 12.96
N ASP E 134 38.75 12.71 13.31
CA ASP E 134 37.78 12.20 12.34
C ASP E 134 36.38 12.33 12.91
N VAL E 135 35.43 12.70 12.05
CA VAL E 135 34.05 12.80 12.47
C VAL E 135 33.21 11.87 11.61
N SER E 136 32.03 11.59 12.13
CA SER E 136 31.08 10.71 11.46
C SER E 136 29.88 11.53 11.04
N LEU E 137 29.55 11.49 9.76
CA LEU E 137 28.25 11.98 9.34
C LEU E 137 27.32 10.79 9.23
N THR E 138 26.10 10.99 9.66
CA THR E 138 25.12 9.91 9.63
C THR E 138 24.00 10.29 8.67
N CYS E 139 23.69 9.38 7.76
CA CYS E 139 22.50 9.49 6.94
C CYS E 139 21.46 8.52 7.47
N LEU E 140 20.32 9.05 7.90
CA LEU E 140 19.22 8.26 8.43
C LEU E 140 18.10 8.26 7.39
N VAL E 141 17.83 7.10 6.80
CA VAL E 141 16.78 6.94 5.80
C VAL E 141 15.71 6.07 6.42
N VAL E 142 14.50 6.62 6.57
CA VAL E 142 13.49 6.00 7.40
C VAL E 142 12.14 5.93 6.69
N GLY E 143 11.40 4.86 7.00
CA GLY E 143 10.02 4.70 6.62
C GLY E 143 9.79 4.34 5.17
N PHE E 144 10.52 3.37 4.60
CA PHE E 144 10.38 3.06 3.19
C PHE E 144 9.98 1.61 2.98
N ASN E 145 9.27 1.37 1.87
CA ASN E 145 8.88 0.03 1.45
C ASN E 145 8.94 0.05 -0.06
N PRO E 146 9.44 -1.01 -0.71
CA PRO E 146 10.05 -2.15 -0.02
C PRO E 146 11.47 -1.83 0.52
N GLY E 147 12.13 -2.81 1.13
CA GLY E 147 13.45 -2.62 1.69
C GLY E 147 14.60 -2.76 0.70
N ASP E 148 14.46 -2.23 -0.49
CA ASP E 148 15.52 -2.22 -1.49
C ASP E 148 15.89 -0.77 -1.71
N ILE E 149 17.16 -0.43 -1.50
CA ILE E 149 17.54 0.97 -1.49
C ILE E 149 19.02 1.07 -1.78
N SER E 150 19.43 2.22 -2.29
CA SER E 150 20.82 2.53 -2.56
C SER E 150 21.11 3.88 -1.92
N VAL E 151 22.10 3.91 -1.03
CA VAL E 151 22.53 5.12 -0.34
C VAL E 151 24.01 5.35 -0.64
N GLU E 152 24.34 6.57 -1.07
CA GLU E 152 25.71 6.92 -1.45
C GLU E 152 25.99 8.33 -0.97
N TRP E 153 27.27 8.72 -1.01
CA TRP E 153 27.70 9.98 -0.42
C TRP E 153 28.51 10.78 -1.43
N THR E 154 28.40 12.11 -1.34
CA THR E 154 29.27 12.99 -2.11
C THR E 154 29.73 14.15 -1.24
N SER E 155 30.91 14.70 -1.59
CA SER E 155 31.41 16.00 -1.14
C SER E 155 31.23 17.02 -2.25
N ASN E 156 30.49 18.08 -1.95
CA ASN E 156 29.94 18.96 -2.97
C ASN E 156 29.25 18.10 -4.04
N GLY E 157 29.98 17.69 -5.08
CA GLY E 157 29.43 16.73 -6.03
C GLY E 157 30.21 15.44 -6.22
N HIS E 158 31.41 15.36 -5.62
CA HIS E 158 32.38 14.30 -5.85
C HIS E 158 32.15 13.13 -4.90
N THR E 159 32.48 11.92 -5.37
CA THR E 159 32.09 10.71 -4.68
C THR E 159 32.92 10.52 -3.41
N GLU E 160 32.25 10.14 -2.32
CA GLU E 160 32.88 9.78 -1.06
C GLU E 160 32.70 8.29 -0.85
N GLU E 161 33.80 7.61 -0.55
CA GLU E 161 33.77 6.15 -0.54
C GLU E 161 33.87 5.57 0.85
N ASN E 162 34.19 6.39 1.84
CA ASN E 162 34.58 5.93 3.18
C ASN E 162 33.35 5.81 4.09
N TYR E 163 32.38 5.05 3.63
CA TYR E 163 31.13 4.88 4.36
C TYR E 163 30.81 3.40 4.49
N LYS E 164 30.10 3.07 5.55
CA LYS E 164 29.45 1.78 5.68
C LYS E 164 28.01 2.05 6.01
N ASP E 165 27.09 1.27 5.43
CA ASP E 165 25.70 1.35 5.85
C ASP E 165 25.28 0.05 6.52
N THR E 166 24.15 0.11 7.20
CA THR E 166 23.61 -1.06 7.85
C THR E 166 22.75 -1.83 6.87
N ALA E 167 22.23 -2.97 7.28
CA ALA E 167 21.16 -3.52 6.47
C ALA E 167 19.97 -2.57 6.54
N PRO E 168 19.07 -2.60 5.56
CA PRO E 168 17.71 -2.13 5.86
C PRO E 168 17.17 -2.93 7.02
N VAL E 169 16.55 -2.26 7.99
CA VAL E 169 16.02 -2.90 9.18
C VAL E 169 14.54 -2.63 9.24
N LEU E 170 13.76 -3.66 9.50
CA LEU E 170 12.31 -3.49 9.54
C LEU E 170 11.91 -2.80 10.84
N ASP E 171 11.29 -1.62 10.72
CA ASP E 171 10.91 -0.84 11.90
C ASP E 171 9.67 -1.44 12.57
N SER E 172 9.22 -0.79 13.64
CA SER E 172 8.05 -1.28 14.38
C SER E 172 6.80 -1.26 13.51
N ASP E 173 6.68 -0.27 12.62
CA ASP E 173 5.49 -0.03 11.81
C ASP E 173 5.48 -0.78 10.48
N GLY E 174 6.40 -1.71 10.26
CA GLY E 174 6.46 -2.45 9.01
C GLY E 174 7.19 -1.76 7.88
N SER E 175 7.64 -0.52 8.05
CA SER E 175 8.54 0.10 7.10
C SER E 175 9.98 -0.26 7.46
N TYR E 176 10.90 0.10 6.58
CA TYR E 176 12.32 -0.10 6.83
C TYR E 176 13.00 1.22 7.13
N PHE E 177 14.11 1.14 7.87
CA PHE E 177 15.08 2.22 7.97
C PHE E 177 16.48 1.67 7.73
N ILE E 178 17.40 2.59 7.46
CA ILE E 178 18.81 2.26 7.24
C ILE E 178 19.65 3.43 7.71
N TYR E 179 20.82 3.12 8.27
CA TYR E 179 21.80 4.14 8.63
C TYR E 179 23.02 4.00 7.74
N SER E 180 23.57 5.12 7.28
CA SER E 180 24.85 5.14 6.58
C SER E 180 25.81 6.06 7.33
N LYS E 181 27.01 5.57 7.62
CA LYS E 181 28.00 6.33 8.35
C LYS E 181 29.15 6.70 7.41
N LEU E 182 29.34 7.99 7.20
CA LEU E 182 30.47 8.49 6.44
C LEU E 182 31.51 9.02 7.43
N ASN E 183 32.69 8.39 7.45
CA ASN E 183 33.82 8.85 8.25
C ASN E 183 34.70 9.75 7.40
N MET E 184 34.90 10.98 7.83
CA MET E 184 35.79 11.89 7.15
C MET E 184 36.66 12.64 8.13
N LYS E 185 37.76 13.21 7.62
CA LYS E 185 38.65 14.01 8.46
C LYS E 185 37.91 15.21 9.03
N THR E 186 38.17 15.52 10.30
CA THR E 186 37.57 16.71 10.89
C THR E 186 37.98 17.98 10.15
N SER E 187 39.21 18.03 9.62
CA SER E 187 39.61 19.19 8.83
C SER E 187 38.76 19.30 7.56
N LYS E 188 38.41 18.16 6.94
CA LYS E 188 37.55 18.26 5.76
C LYS E 188 36.14 18.70 6.15
N TRP E 189 35.61 18.20 7.27
CA TRP E 189 34.34 18.72 7.77
C TRP E 189 34.40 20.23 7.99
N GLU E 190 35.53 20.74 8.50
CA GLU E 190 35.58 22.16 8.80
C GLU E 190 35.72 23.01 7.53
N LYS E 191 36.34 22.47 6.48
CA LYS E 191 36.69 23.27 5.31
C LYS E 191 35.71 23.12 4.14
N THR E 192 35.09 21.95 3.95
CA THR E 192 34.31 21.67 2.73
C THR E 192 32.95 22.35 2.77
N ASP E 193 32.51 22.82 1.60
CA ASP E 193 31.24 23.54 1.56
C ASP E 193 30.07 22.67 2.04
N SER E 194 30.09 21.37 1.73
CA SER E 194 28.87 20.59 1.91
C SER E 194 29.13 19.11 1.68
N PHE E 195 28.25 18.29 2.27
CA PHE E 195 28.25 16.84 2.11
C PHE E 195 26.85 16.35 1.80
N SER E 196 26.76 15.36 0.93
CA SER E 196 25.45 14.95 0.45
C SER E 196 25.23 13.46 0.63
N CYS E 197 24.01 13.15 1.08
CA CYS E 197 23.50 11.79 1.16
C CYS E 197 22.51 11.62 0.00
N ASN E 198 22.80 10.66 -0.89
CA ASN E 198 22.06 10.46 -2.13
C ASN E 198 21.36 9.11 -2.12
N VAL E 199 20.04 9.15 -2.18
CA VAL E 199 19.20 7.99 -1.92
C VAL E 199 18.46 7.63 -3.20
N ARG E 200 18.53 6.37 -3.58
CA ARG E 200 17.76 5.87 -4.71
C ARG E 200 16.79 4.82 -4.18
N HIS E 201 15.49 5.09 -4.36
CA HIS E 201 14.42 4.19 -3.91
C HIS E 201 13.25 4.33 -4.89
N GLU E 202 12.50 3.24 -5.08
CA GLU E 202 11.46 3.29 -6.12
C GLU E 202 10.30 4.20 -5.74
N GLY E 203 10.13 4.51 -4.46
CA GLY E 203 9.09 5.44 -4.05
C GLY E 203 9.39 6.90 -4.29
N LEU E 204 10.63 7.26 -4.61
CA LEU E 204 11.01 8.66 -4.71
C LEU E 204 10.80 9.15 -6.12
N LYS E 205 10.35 10.39 -6.26
CA LYS E 205 10.26 10.98 -7.59
C LYS E 205 11.61 10.86 -8.27
N ASN E 206 11.59 10.34 -9.50
CA ASN E 206 12.78 10.13 -10.32
C ASN E 206 13.75 9.13 -9.70
N TYR E 207 13.29 8.35 -8.73
CA TYR E 207 14.09 7.32 -8.10
C TYR E 207 15.33 7.89 -7.41
N TYR E 208 15.28 9.15 -6.98
CA TYR E 208 16.50 9.79 -6.53
C TYR E 208 16.17 11.00 -5.67
N LEU E 209 16.84 11.10 -4.52
CA LEU E 209 16.71 12.27 -3.65
C LEU E 209 18.06 12.58 -3.04
N LYS E 210 18.38 13.86 -2.99
CA LYS E 210 19.66 14.34 -2.46
C LYS E 210 19.37 15.21 -1.25
N LYS E 211 20.08 14.94 -0.15
CA LYS E 211 20.05 15.78 1.03
C LYS E 211 21.48 16.24 1.33
N THR E 212 21.60 17.45 1.85
CA THR E 212 22.90 18.10 1.93
C THR E 212 23.04 18.78 3.29
N ILE E 213 24.26 18.73 3.83
CA ILE E 213 24.55 19.34 5.11
C ILE E 213 25.86 20.12 4.99
N SER E 214 25.99 21.16 5.83
CA SER E 214 27.23 21.94 5.97
C SER E 214 27.52 22.17 7.43
N ARG E 215 28.79 22.36 7.77
CA ARG E 215 29.17 22.61 9.16
C ARG E 215 28.66 23.98 9.66
N GLY F 9 16.53 -38.57 10.35
CA GLY F 9 16.77 -38.47 11.78
C GLY F 9 16.93 -37.05 12.30
N PRO F 10 17.18 -36.92 13.62
CA PRO F 10 17.32 -35.58 14.22
C PRO F 10 18.70 -34.98 14.11
N SER F 11 18.74 -33.65 13.94
CA SER F 11 19.97 -32.87 14.00
C SER F 11 20.02 -32.08 15.30
N VAL F 12 21.23 -31.71 15.69
CA VAL F 12 21.45 -31.05 16.97
C VAL F 12 22.23 -29.76 16.71
N PHE F 13 21.83 -28.68 17.40
CA PHE F 13 22.48 -27.38 17.31
C PHE F 13 22.71 -26.85 18.71
N ILE F 14 23.84 -26.18 18.91
CA ILE F 14 24.16 -25.62 20.22
C ILE F 14 24.33 -24.12 20.06
N PHE F 15 24.03 -23.37 21.13
CA PHE F 15 23.90 -21.91 21.04
C PHE F 15 24.52 -21.23 22.25
N PRO F 16 25.17 -20.08 22.04
CA PRO F 16 25.81 -19.38 23.14
C PRO F 16 24.80 -18.68 24.03
N PRO F 17 25.21 -18.23 25.20
CA PRO F 17 24.33 -17.38 26.00
C PRO F 17 24.15 -16.03 25.33
N ASN F 18 23.03 -15.38 25.66
CA ASN F 18 22.82 -14.01 25.23
C ASN F 18 23.90 -13.12 25.87
N ILE F 19 24.40 -12.14 25.11
CA ILE F 19 25.51 -11.35 25.61
C ILE F 19 25.08 -10.55 26.83
N LYS F 20 23.84 -10.06 26.85
CA LYS F 20 23.37 -9.32 28.02
C LYS F 20 23.39 -10.18 29.28
N ASP F 21 22.92 -11.43 29.18
CA ASP F 21 22.91 -12.33 30.33
C ASP F 21 24.30 -12.55 30.86
N VAL F 22 25.27 -12.66 29.95
CA VAL F 22 26.66 -12.92 30.33
C VAL F 22 27.24 -11.72 31.07
N LEU F 23 26.85 -10.51 30.66
CA LEU F 23 27.47 -9.29 31.16
C LEU F 23 26.78 -8.68 32.38
N MET F 24 25.55 -9.10 32.70
CA MET F 24 24.84 -8.70 33.91
C MET F 24 24.87 -9.84 34.91
N ILE F 25 25.53 -9.63 36.05
CA ILE F 25 25.68 -10.70 37.02
C ILE F 25 24.34 -11.10 37.66
N SER F 26 23.32 -10.24 37.59
CA SER F 26 22.03 -10.60 38.15
C SER F 26 21.17 -11.44 37.21
N LEU F 27 21.60 -11.69 35.99
CA LEU F 27 20.87 -12.51 35.04
C LEU F 27 21.50 -13.89 34.98
N THR F 28 20.78 -14.82 34.36
CA THR F 28 21.28 -16.19 34.22
C THR F 28 21.58 -16.52 32.75
N PRO F 29 22.86 -16.56 32.37
CA PRO F 29 23.20 -16.97 31.00
C PRO F 29 22.99 -18.46 30.82
N LYS F 30 22.59 -18.85 29.62
CA LYS F 30 22.32 -20.25 29.35
C LYS F 30 23.00 -20.66 28.06
N VAL F 31 23.63 -21.81 28.09
CA VAL F 31 23.96 -22.54 26.87
C VAL F 31 22.76 -23.40 26.50
N THR F 32 22.42 -23.43 25.22
CA THR F 32 21.23 -24.13 24.76
C THR F 32 21.60 -25.19 23.74
N CYS F 33 21.06 -26.39 23.94
CA CYS F 33 21.17 -27.50 23.01
C CYS F 33 19.77 -27.79 22.47
N VAL F 34 19.61 -27.72 21.15
CA VAL F 34 18.30 -27.88 20.51
C VAL F 34 18.36 -29.10 19.60
N VAL F 35 17.46 -30.06 19.82
CA VAL F 35 17.34 -31.22 18.94
C VAL F 35 16.11 -31.02 18.07
N VAL F 36 16.34 -30.98 16.75
CA VAL F 36 15.31 -30.69 15.76
C VAL F 36 14.80 -31.99 15.15
N ASP F 37 13.50 -32.06 14.89
CA ASP F 37 12.88 -33.18 14.15
C ASP F 37 12.95 -34.48 14.96
N VAL F 38 12.52 -34.40 16.20
CA VAL F 38 12.37 -35.59 17.02
C VAL F 38 11.16 -36.37 16.53
N SER F 39 11.25 -37.70 16.57
CA SER F 39 10.21 -38.52 15.98
C SER F 39 9.02 -38.63 16.93
N GLU F 40 7.82 -38.53 16.36
CA GLU F 40 6.60 -38.69 17.16
C GLU F 40 6.59 -40.03 17.87
N ASP F 41 7.14 -41.06 17.23
CA ASP F 41 7.01 -42.42 17.74
C ASP F 41 7.87 -42.64 18.97
N ASP F 42 9.12 -42.16 18.95
CA ASP F 42 10.06 -42.28 20.06
C ASP F 42 10.48 -40.87 20.47
N PRO F 43 9.61 -40.13 21.16
CA PRO F 43 9.95 -38.75 21.56
C PRO F 43 10.95 -38.70 22.71
N ASP F 44 11.31 -39.85 23.28
CA ASP F 44 12.33 -39.96 24.32
C ASP F 44 13.68 -39.45 23.81
N VAL F 45 14.16 -38.34 24.35
CA VAL F 45 15.54 -37.95 24.09
C VAL F 45 16.12 -37.50 25.41
N GLN F 46 17.31 -38.01 25.74
CA GLN F 46 17.96 -37.66 27.00
C GLN F 46 19.26 -36.93 26.65
N ILE F 47 19.40 -35.73 27.19
CA ILE F 47 20.50 -34.83 26.88
C ILE F 47 21.33 -34.68 28.16
N SER F 48 22.62 -34.98 28.07
CA SER F 48 23.51 -34.73 29.21
C SER F 48 24.45 -33.56 28.90
N TRP F 49 24.97 -32.95 29.96
CA TRP F 49 25.72 -31.71 29.87
C TRP F 49 27.06 -31.82 30.60
N PHE F 50 28.09 -31.17 30.04
CA PHE F 50 29.44 -31.22 30.57
C PHE F 50 30.12 -29.86 30.47
N VAL F 51 30.69 -29.42 31.58
CA VAL F 51 31.52 -28.22 31.66
C VAL F 51 32.97 -28.69 31.73
N ASN F 52 33.77 -28.43 30.69
CA ASN F 52 35.13 -28.94 30.63
C ASN F 52 35.18 -30.44 30.96
N ASN F 53 34.19 -31.16 30.43
CA ASN F 53 34.03 -32.61 30.49
C ASN F 53 33.62 -33.18 31.84
N VAL F 54 33.32 -32.35 32.85
CA VAL F 54 32.71 -32.87 34.08
C VAL F 54 31.20 -32.66 34.02
N GLU F 55 30.45 -33.75 34.16
CA GLU F 55 29.00 -33.73 33.99
C GLU F 55 28.34 -32.81 35.00
N VAL F 56 27.30 -32.10 34.55
CA VAL F 56 26.46 -31.27 35.42
C VAL F 56 25.00 -31.63 35.16
N HIS F 57 24.14 -31.24 36.11
CA HIS F 57 22.77 -31.76 36.18
C HIS F 57 21.76 -30.64 36.36
N THR F 58 22.13 -29.40 36.04
CA THR F 58 21.29 -28.23 36.26
C THR F 58 20.39 -27.89 35.08
N ALA F 59 20.48 -28.61 33.96
CA ALA F 59 19.79 -28.19 32.74
C ALA F 59 18.29 -28.44 32.80
N GLN F 60 17.53 -27.54 32.17
CA GLN F 60 16.10 -27.67 31.98
C GLN F 60 15.83 -28.12 30.55
N THR F 61 15.13 -29.23 30.40
CA THR F 61 14.86 -29.84 29.11
C THR F 61 13.36 -29.94 28.88
N GLN F 62 12.91 -29.54 27.70
CA GLN F 62 11.49 -29.50 27.38
C GLN F 62 11.26 -29.91 25.93
N THR F 63 10.16 -30.61 25.71
CA THR F 63 9.70 -30.94 24.39
C THR F 63 8.76 -29.84 23.92
N HIS F 64 8.89 -29.47 22.65
CA HIS F 64 8.08 -28.43 22.04
C HIS F 64 7.44 -28.97 20.78
N ARG F 65 6.17 -28.70 20.61
CA ARG F 65 5.47 -28.94 19.35
C ARG F 65 5.67 -27.73 18.46
N GLU F 66 6.26 -27.95 17.29
CA GLU F 66 6.50 -26.88 16.33
C GLU F 66 5.33 -26.87 15.35
N ASP F 67 4.36 -25.98 15.59
CA ASP F 67 3.16 -25.95 14.76
C ASP F 67 3.43 -25.45 13.35
N TYR F 68 4.56 -24.78 13.12
CA TYR F 68 4.90 -24.28 11.80
C TYR F 68 4.90 -25.38 10.74
N ASN F 69 5.44 -26.56 11.06
CA ASN F 69 5.49 -27.69 10.14
C ASN F 69 5.12 -29.00 10.83
N SER F 70 4.40 -28.94 11.95
CA SER F 70 3.97 -30.13 12.69
C SER F 70 5.14 -31.06 13.00
N THR F 71 6.17 -30.51 13.61
CA THR F 71 7.29 -31.34 14.04
C THR F 71 7.51 -31.17 15.54
N ILE F 72 8.49 -31.88 16.05
CA ILE F 72 8.81 -31.89 17.47
C ILE F 72 10.24 -31.44 17.65
N ARG F 73 10.47 -30.61 18.64
CA ARG F 73 11.81 -30.19 18.99
C ARG F 73 12.00 -30.34 20.49
N VAL F 74 13.20 -30.73 20.90
CA VAL F 74 13.57 -30.81 22.31
C VAL F 74 14.66 -29.78 22.59
N VAL F 75 14.50 -29.00 23.65
CA VAL F 75 15.35 -27.86 23.97
C VAL F 75 15.89 -28.03 25.38
N SER F 76 17.21 -28.09 25.51
CA SER F 76 17.85 -28.23 26.82
C SER F 76 18.74 -27.02 27.05
N THR F 77 18.45 -26.26 28.08
CA THR F 77 19.16 -25.03 28.37
C THR F 77 19.86 -25.15 29.73
N LEU F 78 21.19 -25.09 29.69
CA LEU F 78 22.05 -25.21 30.86
C LEU F 78 22.33 -23.83 31.41
N PRO F 79 21.95 -23.53 32.65
CA PRO F 79 22.47 -22.30 33.28
C PRO F 79 23.95 -22.46 33.57
N ILE F 80 24.69 -21.35 33.44
CA ILE F 80 26.14 -21.40 33.53
C ILE F 80 26.61 -20.19 34.32
N GLN F 81 27.79 -20.31 34.90
CA GLN F 81 28.43 -19.20 35.58
C GLN F 81 29.02 -18.22 34.57
N HIS F 82 28.74 -16.93 34.80
CA HIS F 82 29.19 -15.87 33.92
C HIS F 82 30.66 -15.99 33.57
N GLN F 83 31.51 -16.14 34.60
CA GLN F 83 32.94 -16.16 34.35
C GLN F 83 33.41 -17.48 33.75
N ASP F 84 32.64 -18.57 33.92
CA ASP F 84 32.94 -19.79 33.20
C ASP F 84 32.80 -19.59 31.68
N TRP F 85 31.79 -18.84 31.26
CA TRP F 85 31.69 -18.53 29.85
C TRP F 85 32.84 -17.64 29.40
N MET F 86 33.10 -16.56 30.16
CA MET F 86 34.15 -15.60 29.80
C MET F 86 35.53 -16.23 29.80
N SER F 87 35.77 -17.17 30.70
CA SER F 87 37.11 -17.76 30.77
C SER F 87 37.36 -18.78 29.68
N GLY F 88 36.35 -19.09 28.85
CA GLY F 88 36.57 -20.01 27.76
C GLY F 88 36.43 -21.49 28.09
N LYS F 89 35.67 -21.85 29.11
CA LYS F 89 35.42 -23.25 29.37
C LYS F 89 34.52 -23.85 28.28
N GLU F 90 34.79 -25.10 27.94
CA GLU F 90 34.05 -25.80 26.90
C GLU F 90 32.76 -26.37 27.49
N PHE F 91 31.62 -26.04 26.86
CA PHE F 91 30.31 -26.55 27.24
C PHE F 91 29.85 -27.56 26.21
N LYS F 92 29.42 -28.72 26.67
CA LYS F 92 29.18 -29.86 25.79
C LYS F 92 27.84 -30.50 26.15
N CYS F 93 27.02 -30.76 25.15
CA CYS F 93 25.79 -31.51 25.34
C CYS F 93 25.88 -32.80 24.53
N LYS F 94 25.36 -33.89 25.11
CA LYS F 94 25.31 -35.20 24.47
C LYS F 94 23.86 -35.63 24.34
N VAL F 95 23.48 -36.12 23.16
CA VAL F 95 22.08 -36.40 22.82
C VAL F 95 21.93 -37.88 22.51
N ASN F 96 20.93 -38.52 23.14
CA ASN F 96 20.67 -39.94 22.97
C ASN F 96 19.23 -40.21 22.54
N ASN F 97 19.07 -41.20 21.68
CA ASN F 97 17.76 -41.68 21.22
C ASN F 97 18.00 -42.97 20.42
N PRO F 101 21.54 -44.71 18.53
CA PRO F 101 22.71 -45.35 17.91
C PRO F 101 24.02 -44.89 18.54
N SER F 102 24.55 -43.81 17.97
CA SER F 102 25.71 -43.08 18.44
C SER F 102 25.25 -41.77 19.06
N PRO F 103 25.65 -41.46 20.30
CA PRO F 103 25.25 -40.18 20.88
C PRO F 103 25.84 -39.02 20.10
N ILE F 104 24.98 -38.05 19.76
CA ILE F 104 25.44 -36.84 19.10
C ILE F 104 25.94 -35.86 20.15
N GLU F 105 27.14 -35.33 19.95
CA GLU F 105 27.77 -34.38 20.86
C GLU F 105 27.93 -33.03 20.18
N ARG F 106 27.72 -31.96 20.95
CA ARG F 106 27.98 -30.62 20.45
C ARG F 106 28.64 -29.80 21.54
N THR F 107 29.58 -28.97 21.11
CA THR F 107 30.41 -28.25 22.05
C THR F 107 30.47 -26.77 21.67
N ILE F 108 30.65 -25.91 22.67
CA ILE F 108 30.71 -24.46 22.45
C ILE F 108 31.50 -23.82 23.58
N SER F 109 32.24 -22.78 23.23
CA SER F 109 33.04 -22.00 24.17
C SER F 109 33.27 -20.64 23.55
N LYS F 110 33.56 -19.67 24.41
CA LYS F 110 33.93 -18.35 23.95
C LYS F 110 35.36 -18.39 23.41
N ILE F 111 35.57 -17.82 22.24
CA ILE F 111 36.90 -17.63 21.68
C ILE F 111 37.54 -16.42 22.38
N LYS F 112 38.73 -16.59 22.92
CA LYS F 112 39.42 -15.42 23.40
C LYS F 112 40.06 -14.71 22.20
N GLY F 113 39.39 -13.65 21.77
CA GLY F 113 39.88 -12.86 20.67
C GLY F 113 40.09 -11.42 21.08
N LEU F 114 40.31 -10.58 20.08
CA LEU F 114 40.51 -9.16 20.33
C LEU F 114 39.34 -8.59 21.13
N VAL F 115 39.66 -7.86 22.19
CA VAL F 115 38.69 -7.07 22.93
C VAL F 115 39.01 -5.59 22.75
N ARG F 116 38.02 -4.82 22.31
CA ARG F 116 38.18 -3.40 22.14
C ARG F 116 36.87 -2.72 22.53
N ALA F 117 36.96 -1.75 23.40
CA ALA F 117 35.79 -1.09 23.95
C ALA F 117 35.26 -0.05 22.97
N PRO F 118 33.95 0.05 22.83
CA PRO F 118 33.37 1.08 21.97
C PRO F 118 33.44 2.47 22.58
N GLN F 119 33.28 3.45 21.70
CA GLN F 119 32.85 4.79 22.11
C GLN F 119 31.36 4.92 21.87
N VAL F 120 30.68 5.70 22.72
CA VAL F 120 29.23 5.81 22.66
C VAL F 120 28.84 7.26 22.51
N TYR F 121 28.00 7.54 21.52
CA TYR F 121 27.47 8.86 21.27
C TYR F 121 25.96 8.80 21.10
N ILE F 122 25.26 9.83 21.59
CA ILE F 122 23.84 9.99 21.32
C ILE F 122 23.66 11.19 20.42
N LEU F 123 22.92 10.99 19.34
CA LEU F 123 22.67 12.10 18.43
C LEU F 123 21.27 12.62 18.68
N PRO F 124 21.08 13.93 18.80
CA PRO F 124 19.71 14.47 18.90
C PRO F 124 18.93 14.24 17.60
N PRO F 125 17.64 14.55 17.56
CA PRO F 125 16.91 14.36 16.30
C PRO F 125 17.42 15.27 15.20
N PRO F 126 17.36 14.84 13.95
CA PRO F 126 17.68 15.75 12.84
C PRO F 126 16.73 16.93 12.89
N ALA F 127 17.26 18.12 12.57
CA ALA F 127 16.45 19.34 12.63
C ALA F 127 15.17 19.20 11.81
N GLU F 128 15.28 18.75 10.56
CA GLU F 128 14.10 18.62 9.71
C GLU F 128 12.99 17.85 10.40
N GLN F 129 13.36 16.88 11.23
CA GLN F 129 12.39 16.00 11.87
C GLN F 129 11.65 16.65 13.03
N LEU F 130 12.16 17.77 13.56
CA LEU F 130 11.51 18.42 14.70
C LEU F 130 10.11 18.92 14.38
N SER F 131 9.79 19.14 13.10
CA SER F 131 8.47 19.62 12.71
C SER F 131 7.39 18.61 13.04
N ARG F 132 7.75 17.33 13.07
CA ARG F 132 6.77 16.27 13.09
C ARG F 132 6.34 15.91 14.52
N LYS F 133 5.40 14.96 14.60
CA LYS F 133 4.82 14.55 15.87
C LYS F 133 5.68 13.50 16.58
N ASP F 134 6.46 12.71 15.84
CA ASP F 134 7.39 11.77 16.44
C ASP F 134 8.80 12.08 15.94
N VAL F 135 9.79 12.00 16.84
CA VAL F 135 11.17 12.26 16.48
C VAL F 135 12.02 11.04 16.82
N SER F 136 13.24 11.01 16.28
CA SER F 136 14.15 9.88 16.44
C SER F 136 15.39 10.32 17.21
N LEU F 137 15.79 9.49 18.17
CA LEU F 137 17.05 9.63 18.89
C LEU F 137 17.98 8.52 18.44
N THR F 138 19.25 8.86 18.23
CA THR F 138 20.20 7.90 17.70
C THR F 138 21.33 7.64 18.69
N CYS F 139 21.52 6.38 19.04
CA CYS F 139 22.71 5.96 19.76
C CYS F 139 23.65 5.31 18.76
N LEU F 140 24.84 5.88 18.62
CA LEU F 140 25.87 5.37 17.75
C LEU F 140 26.99 4.80 18.62
N VAL F 141 27.23 3.50 18.48
CA VAL F 141 28.28 2.83 19.25
C VAL F 141 29.33 2.36 18.25
N VAL F 142 30.57 2.89 18.36
CA VAL F 142 31.58 2.73 17.32
C VAL F 142 32.84 2.08 17.88
N GLY F 143 33.53 1.33 17.01
CA GLY F 143 34.81 0.75 17.33
C GLY F 143 34.83 -0.31 18.43
N PHE F 144 34.03 -1.39 18.34
CA PHE F 144 34.13 -2.45 19.32
C PHE F 144 34.47 -3.78 18.67
N ASN F 145 35.07 -4.67 19.46
CA ASN F 145 35.41 -6.05 19.13
C ASN F 145 35.29 -6.81 20.44
N PRO F 146 34.69 -8.00 20.46
CA PRO F 146 33.99 -8.63 19.33
C PRO F 146 32.66 -7.93 19.04
N GLY F 147 31.98 -8.31 17.95
CA GLY F 147 30.70 -7.72 17.61
C GLY F 147 29.50 -8.23 18.42
N ASP F 148 29.69 -8.53 19.70
CA ASP F 148 28.61 -8.92 20.60
C ASP F 148 28.36 -7.77 21.54
N ILE F 149 27.14 -7.25 21.55
CA ILE F 149 26.87 -6.04 22.31
C ILE F 149 25.40 -6.00 22.67
N SER F 150 25.08 -5.25 23.72
CA SER F 150 23.71 -5.00 24.12
C SER F 150 23.54 -3.51 24.29
N VAL F 151 22.51 -2.94 23.66
CA VAL F 151 22.23 -1.51 23.69
C VAL F 151 20.77 -1.35 24.09
N GLU F 152 20.50 -0.56 25.12
CA GLU F 152 19.12 -0.36 25.56
C GLU F 152 18.92 1.10 25.90
N TRP F 153 17.67 1.47 26.15
CA TRP F 153 17.32 2.86 26.30
C TRP F 153 16.55 3.09 27.58
N THR F 154 16.73 4.29 28.10
CA THR F 154 16.17 4.74 29.35
C THR F 154 15.80 6.22 29.19
N SER F 155 14.69 6.63 29.81
CA SER F 155 14.40 8.05 29.95
C SER F 155 14.23 8.33 31.43
N ASN F 156 15.11 9.19 31.96
CA ASN F 156 15.35 9.28 33.40
C ASN F 156 15.67 7.90 33.95
N GLY F 157 14.68 7.19 34.51
CA GLY F 157 14.90 5.82 34.93
C GLY F 157 14.06 4.80 34.17
N HIS F 158 12.98 5.29 33.56
CA HIS F 158 12.00 4.48 32.84
C HIS F 158 12.66 3.66 31.72
N THR F 159 12.21 2.41 31.56
CA THR F 159 12.65 1.57 30.46
C THR F 159 11.92 1.94 29.18
N GLU F 160 12.65 2.32 28.14
CA GLU F 160 12.06 2.66 26.85
C GLU F 160 12.15 1.47 25.91
N GLU F 161 11.02 1.02 25.39
CA GLU F 161 10.96 -0.19 24.59
C GLU F 161 10.81 0.06 23.09
N ASN F 162 10.50 1.28 22.67
CA ASN F 162 10.20 1.53 21.26
C ASN F 162 11.47 1.92 20.48
N TYR F 163 12.43 1.00 20.48
CA TYR F 163 13.69 1.21 19.79
C TYR F 163 13.98 -0.03 18.95
N LYS F 164 14.79 0.16 17.93
CA LYS F 164 15.33 -0.96 17.17
C LYS F 164 16.76 -0.61 16.83
N ASP F 165 17.63 -1.60 16.87
CA ASP F 165 18.99 -1.34 16.46
C ASP F 165 19.27 -2.08 15.16
N THR F 166 20.34 -1.68 14.50
CA THR F 166 20.85 -2.39 13.35
C THR F 166 21.56 -3.64 13.85
N ALA F 167 22.13 -4.42 12.97
CA ALA F 167 23.07 -5.39 13.51
C ALA F 167 24.31 -4.64 14.01
N PRO F 168 25.23 -5.31 14.71
CA PRO F 168 26.62 -4.84 14.65
C PRO F 168 27.12 -4.95 13.22
N VAL F 169 27.74 -3.87 12.74
CA VAL F 169 28.19 -3.75 11.36
C VAL F 169 29.71 -3.61 11.33
N LEU F 170 30.35 -4.42 10.51
CA LEU F 170 31.80 -4.40 10.35
C LEU F 170 32.26 -3.13 9.65
N ASP F 171 33.07 -2.34 10.34
CA ASP F 171 33.55 -1.05 9.86
C ASP F 171 34.79 -1.20 8.98
N SER F 172 35.22 -0.07 8.39
CA SER F 172 36.40 -0.11 7.52
C SER F 172 37.63 -0.63 8.27
N ASP F 173 37.81 -0.22 9.53
CA ASP F 173 38.98 -0.66 10.28
C ASP F 173 38.82 -2.06 10.91
N GLY F 174 37.77 -2.82 10.58
CA GLY F 174 37.62 -4.13 11.18
C GLY F 174 37.10 -4.13 12.60
N SER F 175 36.79 -2.97 13.18
CA SER F 175 35.95 -2.91 14.36
C SER F 175 34.49 -2.87 13.94
N TYR F 176 33.61 -3.05 14.93
CA TYR F 176 32.18 -3.02 14.69
C TYR F 176 31.60 -1.68 15.11
N PHE F 177 30.48 -1.32 14.50
CA PHE F 177 29.65 -0.23 14.97
C PHE F 177 28.20 -0.68 14.90
N ILE F 178 27.35 0.03 15.64
CA ILE F 178 25.92 -0.27 15.66
C ILE F 178 25.18 1.02 15.88
N TYR F 179 24.04 1.17 15.21
CA TYR F 179 23.13 2.26 15.49
C TYR F 179 21.90 1.70 16.21
N SER F 180 21.43 2.43 17.21
CA SER F 180 20.17 2.16 17.90
C SER F 180 19.27 3.36 17.73
N LYS F 181 18.02 3.14 17.31
CA LYS F 181 17.08 4.21 17.02
C LYS F 181 15.93 4.14 18.02
N LEU F 182 15.75 5.21 18.79
CA LEU F 182 14.65 5.33 19.74
C LEU F 182 13.64 6.32 19.20
N ASN F 183 12.43 5.83 18.90
CA ASN F 183 11.35 6.67 18.40
C ASN F 183 10.45 7.10 19.56
N MET F 184 10.20 8.39 19.66
CA MET F 184 9.39 8.90 20.76
C MET F 184 8.59 10.08 20.24
N LYS F 185 7.47 10.36 20.89
CA LYS F 185 6.69 11.55 20.55
C LYS F 185 7.52 12.81 20.81
N THR F 186 7.36 13.79 19.93
CA THR F 186 8.09 15.05 20.06
C THR F 186 7.74 15.75 21.36
N SER F 187 6.50 15.62 21.82
CA SER F 187 6.12 16.19 23.11
C SER F 187 6.97 15.62 24.22
N LYS F 188 7.17 14.29 24.22
CA LYS F 188 7.99 13.65 25.24
C LYS F 188 9.46 14.06 25.15
N TRP F 189 9.95 14.33 23.92
CA TRP F 189 11.31 14.86 23.78
C TRP F 189 11.45 16.20 24.48
N GLU F 190 10.42 17.05 24.38
CA GLU F 190 10.48 18.35 25.01
C GLU F 190 10.15 18.29 26.50
N LYS F 191 9.28 17.37 26.92
CA LYS F 191 8.81 17.33 28.30
C LYS F 191 9.67 16.48 29.24
N THR F 192 10.30 15.42 28.75
CA THR F 192 11.13 14.59 29.60
C THR F 192 12.53 15.18 29.76
N ASP F 193 13.10 14.99 30.96
CA ASP F 193 14.34 15.68 31.32
C ASP F 193 15.54 15.12 30.56
N SER F 194 15.73 13.80 30.59
CA SER F 194 16.90 13.20 29.97
C SER F 194 16.55 11.86 29.31
N PHE F 195 17.40 11.43 28.39
CA PHE F 195 17.31 10.12 27.76
C PHE F 195 18.69 9.50 27.76
N SER F 196 18.75 8.19 27.97
CA SER F 196 20.02 7.51 28.11
C SER F 196 20.09 6.28 27.21
N CYS F 197 21.24 6.13 26.57
CA CYS F 197 21.60 4.95 25.82
C CYS F 197 22.55 4.13 26.70
N ASN F 198 22.17 2.90 27.03
CA ASN F 198 22.93 2.09 27.96
C ASN F 198 23.55 0.91 27.23
N VAL F 199 24.88 0.83 27.29
CA VAL F 199 25.63 -0.07 26.43
C VAL F 199 26.37 -1.05 27.33
N ARG F 200 26.27 -2.33 27.00
CA ARG F 200 26.99 -3.37 27.72
C ARG F 200 27.91 -4.07 26.73
N HIS F 201 29.21 -4.01 26.98
CA HIS F 201 30.18 -4.64 26.09
C HIS F 201 31.30 -5.15 26.97
N GLU F 202 31.90 -6.28 26.58
CA GLU F 202 32.93 -6.88 27.44
C GLU F 202 34.18 -6.01 27.57
N GLY F 203 34.40 -5.09 26.64
CA GLY F 203 35.58 -4.24 26.76
C GLY F 203 35.41 -3.04 27.68
N LEU F 204 34.18 -2.69 28.03
CA LEU F 204 33.94 -1.54 28.89
C LEU F 204 34.29 -1.90 30.32
N LYS F 205 34.70 -0.89 31.08
CA LYS F 205 34.88 -1.05 32.51
C LYS F 205 33.54 -1.43 33.13
N ASN F 206 33.52 -2.49 33.93
CA ASN F 206 32.29 -3.05 34.48
C ASN F 206 31.28 -3.44 33.41
N TYR F 207 31.74 -3.64 32.17
CA TYR F 207 30.90 -4.14 31.09
C TYR F 207 29.72 -3.21 30.83
N TYR F 208 29.85 -1.92 31.13
CA TYR F 208 28.67 -1.06 31.11
C TYR F 208 29.08 0.38 30.90
N LEU F 209 28.34 1.09 30.05
CA LEU F 209 28.53 2.52 29.91
C LEU F 209 27.18 3.16 29.59
N LYS F 210 26.94 4.33 30.18
CA LYS F 210 25.72 5.08 30.00
C LYS F 210 26.08 6.41 29.37
N LYS F 211 25.34 6.79 28.35
CA LYS F 211 25.44 8.12 27.78
C LYS F 211 24.06 8.73 27.90
N THR F 212 23.99 10.03 28.13
CA THR F 212 22.73 10.67 28.43
C THR F 212 22.60 11.92 27.59
N ILE F 213 21.36 12.20 27.16
CA ILE F 213 21.07 13.36 26.32
C ILE F 213 19.81 14.04 26.82
N SER F 214 19.72 15.34 26.54
CA SER F 214 18.61 16.19 26.92
C SER F 214 18.36 17.20 25.83
N ARG F 215 17.08 17.47 25.54
CA ARG F 215 16.74 18.62 24.71
C ARG F 215 17.19 19.93 25.39
#